data_4AY4
#
_entry.id   4AY4
#
_cell.length_a   87.003
_cell.length_b   87.003
_cell.length_c   270.002
_cell.angle_alpha   90.00
_cell.angle_beta   90.00
_cell.angle_gamma   120.00
#
_symmetry.space_group_name_H-M   'P 65 2 2'
#
loop_
_entity.id
_entity.type
_entity.pdbx_description
1 polymer 'N5-CARBOXYAMINOIMIDAZOLE RIBONUCLEOTIDE MUTASE'
2 non-polymer 'ACETATE ION'
3 water water
#
_entity_poly.entity_id   1
_entity_poly.type   'polypeptide(L)'
_entity_poly.pdbx_seq_one_letter_code
;MGSSHHHHHHSSGLVPRGSHMKSLVGVIMGSTSDWETMKYACDILDELNIPYEKKVVSAHRTPDYMFEYAETARERGLKV
IIAGAGGAAHLPGMVAAKTNLPVIGVPVQSKALNGLDSLLSIVQMPGGVPVATVAIGKAGSTNAGLLAAQILGSFHDDIH
DALELRREAIEKDVREGSELV
;
_entity_poly.pdbx_strand_id   A,B,C,D
#
loop_
_chem_comp.id
_chem_comp.type
_chem_comp.name
_chem_comp.formula
ACT non-polymer 'ACETATE ION' 'C2 H3 O2 -1'
#
# COMPACT_ATOMS: atom_id res chain seq x y z
N LYS A 22 -20.42 -3.82 24.39
CA LYS A 22 -20.73 -3.97 22.93
C LYS A 22 -19.53 -3.49 22.12
N SER A 23 -18.85 -4.41 21.43
CA SER A 23 -17.69 -4.08 20.64
C SER A 23 -18.07 -3.22 19.45
N LEU A 24 -17.25 -2.21 19.18
CA LEU A 24 -17.40 -1.37 18.01
C LEU A 24 -16.39 -1.72 16.93
N VAL A 25 -15.29 -2.37 17.32
CA VAL A 25 -14.23 -2.71 16.37
C VAL A 25 -13.88 -4.19 16.54
N GLY A 26 -13.74 -4.89 15.43
CA GLY A 26 -13.19 -6.23 15.46
C GLY A 26 -11.75 -6.20 14.94
N VAL A 27 -10.85 -6.80 15.69
CA VAL A 27 -9.46 -6.91 15.30
C VAL A 27 -9.17 -8.39 15.07
N ILE A 28 -8.86 -8.74 13.84
CA ILE A 28 -8.69 -10.13 13.46
C ILE A 28 -7.37 -10.34 12.74
N MET A 29 -6.90 -11.59 12.78
CA MET A 29 -5.64 -11.97 12.16
C MET A 29 -5.67 -13.46 11.89
N GLY A 30 -4.88 -13.90 10.90
CA GLY A 30 -4.92 -15.29 10.46
C GLY A 30 -4.21 -16.26 11.34
N SER A 31 -3.23 -15.76 12.09
CA SER A 31 -2.39 -16.65 12.90
C SER A 31 -2.04 -15.98 14.23
N THR A 32 -1.85 -16.78 15.28
CA THR A 32 -1.40 -16.27 16.58
C THR A 32 -0.06 -15.59 16.44
N SER A 33 0.75 -15.98 15.45
CA SER A 33 2.04 -15.30 15.27
C SER A 33 1.87 -13.84 14.76
N ASP A 34 0.70 -13.48 14.25
CA ASP A 34 0.41 -12.09 13.89
C ASP A 34 0.12 -11.18 15.07
N TRP A 35 -0.11 -11.76 16.26
CA TRP A 35 -0.48 -10.97 17.43
C TRP A 35 0.60 -9.98 17.83
N GLU A 36 1.87 -10.37 17.69
CA GLU A 36 3.01 -9.49 18.01
C GLU A 36 2.86 -8.15 17.24
N THR A 37 2.32 -8.22 16.03
CA THR A 37 2.06 -7.03 15.24
C THR A 37 0.70 -6.40 15.63
N MET A 38 -0.33 -7.22 15.74
CA MET A 38 -1.69 -6.68 15.89
C MET A 38 -2.00 -6.13 17.27
N LYS A 39 -1.20 -6.47 18.27
CA LYS A 39 -1.43 -5.94 19.61
C LYS A 39 -1.35 -4.41 19.63
N TYR A 40 -0.57 -3.83 18.74
CA TYR A 40 -0.42 -2.38 18.68
C TYR A 40 -1.72 -1.64 18.39
N ALA A 41 -2.54 -2.19 17.49
CA ALA A 41 -3.86 -1.64 17.20
C ALA A 41 -4.76 -1.71 18.43
N CYS A 42 -4.69 -2.85 19.11
CA CYS A 42 -5.48 -3.08 20.31
C CYS A 42 -5.07 -2.12 21.43
N ASP A 43 -3.77 -1.84 21.57
CA ASP A 43 -3.29 -0.87 22.53
C ASP A 43 -3.88 0.52 22.30
N ILE A 44 -4.00 0.93 21.04
CA ILE A 44 -4.62 2.22 20.74
C ILE A 44 -6.10 2.21 21.15
N LEU A 45 -6.83 1.17 20.79
CA LEU A 45 -8.24 1.09 21.15
C LEU A 45 -8.43 1.14 22.67
N ASP A 46 -7.56 0.45 23.39
CA ASP A 46 -7.60 0.50 24.86
C ASP A 46 -7.32 1.88 25.42
N GLU A 47 -6.33 2.55 24.85
CA GLU A 47 -5.97 3.88 25.26
C GLU A 47 -7.17 4.82 25.08
N LEU A 48 -7.87 4.67 23.97
CA LEU A 48 -9.01 5.55 23.65
C LEU A 48 -10.33 5.02 24.22
N ASN A 49 -10.29 3.95 25.00
CA ASN A 49 -11.47 3.34 25.59
C ASN A 49 -12.55 2.96 24.59
N ILE A 50 -12.14 2.44 23.45
CA ILE A 50 -13.08 2.00 22.41
C ILE A 50 -13.28 0.50 22.60
N PRO A 51 -14.52 0.04 22.75
CA PRO A 51 -14.66 -1.40 22.95
C PRO A 51 -14.40 -2.19 21.68
N TYR A 52 -13.72 -3.32 21.83
CA TYR A 52 -13.37 -4.13 20.66
C TYR A 52 -13.29 -5.60 21.04
N GLU A 53 -13.28 -6.44 20.02
CA GLU A 53 -13.05 -7.86 20.20
C GLU A 53 -11.82 -8.22 19.38
N LYS A 54 -11.10 -9.26 19.77
CA LYS A 54 -9.93 -9.70 19.00
C LYS A 54 -10.01 -11.21 18.83
N LYS A 55 -9.78 -11.68 17.61
CA LYS A 55 -9.95 -13.08 17.25
C LYS A 55 -8.92 -13.49 16.21
N VAL A 56 -8.57 -14.76 16.25
CA VAL A 56 -7.86 -15.39 15.14
C VAL A 56 -8.89 -15.88 14.11
N VAL A 57 -8.86 -15.32 12.92
CA VAL A 57 -9.76 -15.66 11.84
C VAL A 57 -8.86 -15.77 10.62
N SER A 58 -8.76 -16.96 10.03
CA SER A 58 -7.84 -17.19 8.92
C SER A 58 -8.60 -17.37 7.61
N ALA A 59 -8.20 -16.59 6.60
CA ALA A 59 -8.78 -16.74 5.28
C ALA A 59 -8.52 -18.12 4.69
N HIS A 60 -7.37 -18.69 5.03
CA HIS A 60 -6.92 -19.90 4.38
C HIS A 60 -7.10 -21.17 5.19
N ARG A 61 -7.08 -21.04 6.50
CA ARG A 61 -7.27 -22.18 7.38
C ARG A 61 -8.67 -22.28 7.97
N THR A 62 -9.39 -21.17 8.04
CA THR A 62 -10.78 -21.19 8.51
C THR A 62 -11.63 -20.35 7.56
N PRO A 63 -11.64 -20.70 6.27
CA PRO A 63 -12.35 -19.85 5.31
C PRO A 63 -13.87 -19.68 5.61
N ASP A 64 -14.57 -20.75 5.94
CA ASP A 64 -16.01 -20.61 6.26
C ASP A 64 -16.28 -19.68 7.47
N TYR A 65 -15.50 -19.87 8.52
CA TYR A 65 -15.57 -19.02 9.71
C TYR A 65 -15.31 -17.57 9.34
N MET A 66 -14.35 -17.32 8.47
CA MET A 66 -14.04 -15.97 8.03
C MET A 66 -15.25 -15.33 7.34
N PHE A 67 -15.91 -16.07 6.45
CA PHE A 67 -17.17 -15.58 5.84
C PHE A 67 -18.27 -15.28 6.87
N GLU A 68 -18.47 -16.19 7.82
CA GLU A 68 -19.46 -15.98 8.86
C GLU A 68 -19.13 -14.75 9.72
N TYR A 69 -17.86 -14.61 10.11
CA TYR A 69 -17.45 -13.46 10.87
C TYR A 69 -17.80 -12.17 10.12
N ALA A 70 -17.37 -12.09 8.86
CA ALA A 70 -17.58 -10.89 8.02
C ALA A 70 -19.06 -10.61 7.82
N GLU A 71 -19.79 -11.65 7.46
CA GLU A 71 -21.22 -11.58 7.19
C GLU A 71 -22.03 -10.98 8.32
N THR A 72 -21.71 -11.39 9.54
CA THR A 72 -22.53 -11.07 10.72
C THR A 72 -22.03 -9.84 11.47
N ALA A 73 -20.88 -9.30 11.06
CA ALA A 73 -20.23 -8.19 11.78
C ALA A 73 -21.16 -7.02 12.04
N ARG A 74 -21.87 -6.61 10.99
CA ARG A 74 -22.80 -5.49 11.03
C ARG A 74 -23.96 -5.79 11.99
N GLU A 75 -24.63 -6.94 11.83
CA GLU A 75 -25.70 -7.37 12.79
C GLU A 75 -25.19 -7.37 14.22
N ARG A 76 -23.95 -7.79 14.41
CA ARG A 76 -23.38 -7.89 15.76
C ARG A 76 -23.02 -6.53 16.38
N GLY A 77 -23.11 -5.46 15.60
CA GLY A 77 -22.88 -4.09 16.11
C GLY A 77 -21.51 -3.52 15.86
N LEU A 78 -20.62 -4.26 15.19
CA LEU A 78 -19.32 -3.73 14.78
C LEU A 78 -19.50 -2.62 13.77
N LYS A 79 -18.60 -1.62 13.83
CA LYS A 79 -18.60 -0.53 12.88
C LYS A 79 -17.39 -0.54 11.93
N VAL A 80 -16.31 -1.19 12.35
CA VAL A 80 -15.05 -1.25 11.60
C VAL A 80 -14.39 -2.55 11.92
N ILE A 81 -13.71 -3.13 10.95
CA ILE A 81 -12.89 -4.28 11.15
C ILE A 81 -11.43 -3.96 10.82
N ILE A 82 -10.53 -4.35 11.71
CA ILE A 82 -9.11 -4.31 11.46
C ILE A 82 -8.66 -5.74 11.23
N ALA A 83 -8.01 -6.01 10.10
CA ALA A 83 -7.55 -7.35 9.76
C ALA A 83 -6.07 -7.34 9.39
N GLY A 84 -5.28 -8.21 10.03
CA GLY A 84 -3.85 -8.31 9.74
C GLY A 84 -3.52 -9.63 9.08
N ALA A 85 -2.61 -9.60 8.10
CA ALA A 85 -2.22 -10.83 7.42
C ALA A 85 -0.91 -10.55 6.71
N GLY A 86 -0.12 -11.60 6.49
CA GLY A 86 1.14 -11.47 5.73
C GLY A 86 1.26 -12.47 4.60
N GLY A 87 2.26 -12.29 3.75
CA GLY A 87 2.53 -13.20 2.66
C GLY A 87 1.47 -12.93 1.60
N ALA A 88 0.83 -14.01 1.15
CA ALA A 88 -0.34 -13.90 0.31
C ALA A 88 -1.47 -13.57 1.29
N ALA A 89 -1.65 -12.27 1.52
CA ALA A 89 -2.44 -11.75 2.62
C ALA A 89 -3.87 -11.48 2.15
N HIS A 90 -4.73 -12.48 2.27
CA HIS A 90 -6.07 -12.39 1.70
C HIS A 90 -7.16 -12.01 2.71
N LEU A 91 -6.84 -12.07 3.98
CA LEU A 91 -7.83 -11.88 5.00
C LEU A 91 -8.59 -10.56 4.89
N PRO A 92 -7.87 -9.44 4.79
CA PRO A 92 -8.61 -8.20 4.73
C PRO A 92 -9.53 -8.11 3.52
N GLY A 93 -9.06 -8.55 2.37
CA GLY A 93 -9.83 -8.40 1.14
C GLY A 93 -11.05 -9.28 1.09
N MET A 94 -10.92 -10.49 1.61
CA MET A 94 -12.03 -11.41 1.62
C MET A 94 -13.08 -11.04 2.63
N VAL A 95 -12.66 -10.50 3.77
CA VAL A 95 -13.57 -9.94 4.73
C VAL A 95 -14.28 -8.75 4.12
N ALA A 96 -13.53 -7.85 3.46
CA ALA A 96 -14.14 -6.69 2.79
C ALA A 96 -15.14 -7.07 1.67
N ALA A 97 -14.89 -8.21 1.02
CA ALA A 97 -15.83 -8.71 0.03
C ALA A 97 -17.15 -9.19 0.63
N LYS A 98 -17.14 -9.44 1.96
CA LYS A 98 -18.30 -10.00 2.66
C LYS A 98 -19.01 -9.04 3.63
N THR A 99 -18.55 -7.79 3.72
CA THR A 99 -19.21 -6.77 4.53
C THR A 99 -19.06 -5.40 3.88
N ASN A 100 -20.00 -4.49 4.12
CA ASN A 100 -19.80 -3.08 3.76
C ASN A 100 -19.39 -2.18 4.91
N LEU A 101 -19.02 -2.79 6.03
CA LEU A 101 -18.23 -2.08 7.03
C LEU A 101 -16.90 -1.74 6.41
N PRO A 102 -16.37 -0.58 6.78
CA PRO A 102 -14.97 -0.35 6.44
C PRO A 102 -14.03 -1.41 7.02
N VAL A 103 -13.09 -1.87 6.20
CA VAL A 103 -12.11 -2.86 6.61
C VAL A 103 -10.71 -2.25 6.39
N ILE A 104 -9.94 -2.28 7.48
CA ILE A 104 -8.60 -1.77 7.54
C ILE A 104 -7.68 -2.95 7.51
N GLY A 105 -6.74 -2.94 6.57
CA GLY A 105 -5.81 -4.03 6.38
C GLY A 105 -4.40 -3.67 6.81
N VAL A 106 -3.86 -4.48 7.71
CA VAL A 106 -2.51 -4.32 8.19
C VAL A 106 -1.65 -5.38 7.52
N PRO A 107 -0.70 -4.95 6.67
CA PRO A 107 0.25 -5.88 6.14
C PRO A 107 1.28 -6.30 7.19
N VAL A 108 1.29 -7.58 7.55
CA VAL A 108 2.27 -8.11 8.51
C VAL A 108 3.55 -8.33 7.76
N GLN A 109 4.68 -8.00 8.39
CA GLN A 109 5.98 -8.16 7.76
C GLN A 109 6.25 -9.66 7.62
N SER A 110 6.43 -10.11 6.39
CA SER A 110 6.72 -11.47 6.07
C SER A 110 8.22 -11.71 6.10
N LYS A 111 8.62 -12.98 6.22
CA LYS A 111 10.00 -13.33 6.40
C LYS A 111 10.84 -13.05 5.14
N ALA A 112 10.46 -13.60 3.99
CA ALA A 112 11.34 -13.52 2.83
C ALA A 112 11.29 -12.11 2.21
N LEU A 113 10.10 -11.61 1.99
CA LEU A 113 9.93 -10.42 1.18
C LEU A 113 9.58 -9.17 2.01
N ASN A 114 9.74 -9.26 3.33
CA ASN A 114 9.60 -8.12 4.23
C ASN A 114 8.30 -7.34 4.14
N GLY A 115 7.22 -8.06 3.91
CA GLY A 115 5.91 -7.45 3.85
C GLY A 115 5.54 -6.88 2.50
N LEU A 116 6.42 -6.95 1.52
CA LEU A 116 6.06 -6.45 0.17
C LEU A 116 4.93 -7.27 -0.43
N ASP A 117 5.02 -8.59 -0.29
CA ASP A 117 3.94 -9.46 -0.71
C ASP A 117 2.66 -9.16 0.08
N SER A 118 2.78 -9.00 1.39
CA SER A 118 1.65 -8.65 2.24
C SER A 118 0.97 -7.36 1.79
N LEU A 119 1.77 -6.33 1.55
CA LEU A 119 1.27 -5.03 1.12
C LEU A 119 0.52 -5.10 -0.20
N LEU A 120 1.14 -5.70 -1.22
CA LEU A 120 0.51 -5.75 -2.55
C LEU A 120 -0.75 -6.60 -2.55
N SER A 121 -0.73 -7.68 -1.78
CA SER A 121 -1.86 -8.58 -1.62
C SER A 121 -3.08 -7.92 -1.02
N ILE A 122 -2.83 -6.90 -0.22
CA ILE A 122 -3.88 -6.18 0.50
C ILE A 122 -4.35 -4.93 -0.20
N VAL A 123 -3.41 -4.08 -0.65
CA VAL A 123 -3.77 -2.77 -1.14
C VAL A 123 -4.39 -2.81 -2.53
N GLN A 124 -3.96 -3.75 -3.37
CA GLN A 124 -4.30 -3.73 -4.78
C GLN A 124 -5.70 -4.29 -5.10
N MET A 125 -6.65 -4.06 -4.20
CA MET A 125 -8.00 -4.53 -4.38
C MET A 125 -8.67 -3.91 -5.60
N PRO A 126 -9.46 -4.71 -6.31
CA PRO A 126 -10.16 -4.25 -7.49
C PRO A 126 -11.36 -3.37 -7.13
N GLY A 127 -11.81 -2.58 -8.09
CA GLY A 127 -12.96 -1.70 -7.92
C GLY A 127 -14.15 -2.47 -7.40
N GLY A 128 -14.75 -1.94 -6.34
CA GLY A 128 -15.91 -2.53 -5.71
C GLY A 128 -15.66 -2.94 -4.28
N VAL A 129 -14.40 -3.25 -3.96
CA VAL A 129 -14.05 -3.86 -2.67
C VAL A 129 -12.85 -3.20 -2.04
N PRO A 130 -13.05 -1.98 -1.49
CA PRO A 130 -11.92 -1.32 -0.86
C PRO A 130 -11.45 -2.01 0.39
N VAL A 131 -10.15 -1.90 0.61
CA VAL A 131 -9.53 -2.18 1.88
C VAL A 131 -8.67 -0.92 2.19
N ALA A 132 -8.89 -0.32 3.35
CA ALA A 132 -8.06 0.78 3.87
C ALA A 132 -6.73 0.19 4.36
N THR A 133 -5.67 0.34 3.58
CA THR A 133 -4.39 -0.26 3.87
C THR A 133 -3.47 0.71 4.59
N VAL A 134 -2.80 0.20 5.61
CA VAL A 134 -1.87 1.00 6.42
C VAL A 134 -0.48 0.38 6.27
N ALA A 135 0.50 0.95 6.93
CA ALA A 135 1.92 0.62 6.66
C ALA A 135 2.21 -0.83 7.05
N ILE A 136 3.25 -1.38 6.44
CA ILE A 136 3.73 -2.72 6.78
C ILE A 136 4.17 -2.68 8.24
N GLY A 137 3.74 -3.65 9.02
CA GLY A 137 4.24 -3.84 10.37
C GLY A 137 3.59 -3.04 11.48
N LYS A 138 4.35 -2.86 12.55
CA LYS A 138 3.82 -2.34 13.82
C LYS A 138 3.33 -0.92 13.74
N ALA A 139 3.99 -0.07 12.95
CA ALA A 139 3.50 1.29 12.72
C ALA A 139 2.10 1.26 12.08
N GLY A 140 1.90 0.35 11.14
CA GLY A 140 0.61 0.22 10.49
C GLY A 140 -0.44 -0.25 11.50
N SER A 141 -0.04 -1.19 12.36
CA SER A 141 -0.97 -1.72 13.35
C SER A 141 -1.45 -0.60 14.28
N THR A 142 -0.50 0.17 14.82
CA THR A 142 -0.84 1.38 15.63
C THR A 142 -1.86 2.23 14.83
N ASN A 143 -1.51 2.49 13.57
CA ASN A 143 -2.33 3.33 12.71
C ASN A 143 -3.71 2.78 12.35
N ALA A 144 -3.84 1.47 12.34
CA ALA A 144 -5.13 0.84 12.17
C ALA A 144 -6.05 1.13 13.34
N GLY A 145 -5.53 1.05 14.56
CA GLY A 145 -6.28 1.48 15.72
C GLY A 145 -6.70 2.95 15.65
N LEU A 146 -5.78 3.83 15.26
CA LEU A 146 -6.09 5.25 15.18
C LEU A 146 -7.09 5.55 14.07
N LEU A 147 -6.95 4.85 12.94
CA LEU A 147 -7.84 5.03 11.82
C LEU A 147 -9.27 4.54 12.16
N ALA A 148 -9.38 3.38 12.81
CA ALA A 148 -10.69 2.91 13.30
C ALA A 148 -11.33 3.97 14.21
N ALA A 149 -10.53 4.52 15.11
CA ALA A 149 -11.01 5.59 15.98
C ALA A 149 -11.45 6.84 15.22
N GLN A 150 -10.69 7.23 14.20
CA GLN A 150 -11.03 8.39 13.38
C GLN A 150 -12.38 8.11 12.66
N ILE A 151 -12.58 6.87 12.24
CA ILE A 151 -13.85 6.51 11.60
C ILE A 151 -14.98 6.72 12.60
N LEU A 152 -14.79 6.23 13.82
CA LEU A 152 -15.78 6.43 14.88
C LEU A 152 -15.97 7.92 15.20
N GLY A 153 -14.84 8.61 15.23
CA GLY A 153 -14.80 10.03 15.56
C GLY A 153 -15.46 10.95 14.55
N SER A 154 -15.65 10.49 13.32
CA SER A 154 -16.37 11.26 12.34
C SER A 154 -17.81 11.48 12.81
N PHE A 155 -18.33 10.62 13.68
CA PHE A 155 -19.65 10.81 14.27
C PHE A 155 -19.73 10.93 15.79
N HIS A 156 -18.72 10.45 16.50
CA HIS A 156 -18.64 10.63 17.96
C HIS A 156 -17.62 11.71 18.31
N ASP A 157 -18.12 12.88 18.69
CA ASP A 157 -17.30 14.05 18.99
C ASP A 157 -16.28 13.82 20.06
N ASP A 158 -16.65 13.07 21.10
CA ASP A 158 -15.73 12.79 22.19
C ASP A 158 -14.53 11.97 21.74
N ILE A 159 -14.73 11.00 20.85
CA ILE A 159 -13.59 10.25 20.30
C ILE A 159 -12.71 11.19 19.45
N HIS A 160 -13.36 11.99 18.60
CA HIS A 160 -12.61 12.98 17.81
C HIS A 160 -11.77 13.89 18.71
N ASP A 161 -12.37 14.43 19.77
CA ASP A 161 -11.66 15.31 20.68
C ASP A 161 -10.50 14.60 21.38
N ALA A 162 -10.68 13.31 21.71
CA ALA A 162 -9.58 12.52 22.27
C ALA A 162 -8.42 12.41 21.30
N LEU A 163 -8.74 12.19 20.03
CA LEU A 163 -7.71 12.03 19.01
C LEU A 163 -6.94 13.33 18.88
N GLU A 164 -7.66 14.46 18.86
CA GLU A 164 -7.03 15.78 18.81
C GLU A 164 -6.13 16.05 20.01
N LEU A 165 -6.59 15.71 21.20
CA LEU A 165 -5.79 15.87 22.42
C LEU A 165 -4.57 14.99 22.41
N ARG A 166 -4.73 13.76 21.97
CA ARG A 166 -3.60 12.85 21.93
C ARG A 166 -2.54 13.41 20.98
N ARG A 167 -2.96 13.86 19.83
CA ARG A 167 -2.04 14.36 18.82
C ARG A 167 -1.32 15.62 19.27
N GLU A 168 -2.05 16.49 19.97
CA GLU A 168 -1.50 17.74 20.47
C GLU A 168 -0.42 17.45 21.55
N ALA A 169 -0.67 16.46 22.41
CA ALA A 169 0.30 16.08 23.44
C ALA A 169 1.57 15.52 22.80
N ILE A 170 1.42 14.72 21.75
CA ILE A 170 2.59 14.20 21.04
C ILE A 170 3.37 15.32 20.35
N GLU A 171 2.68 16.24 19.68
CA GLU A 171 3.32 17.42 19.08
C GLU A 171 4.18 18.17 20.09
N LYS A 172 3.61 18.47 21.27
CA LYS A 172 4.30 19.18 22.34
C LYS A 172 5.54 18.41 22.78
N ASP A 173 5.38 17.11 23.01
CA ASP A 173 6.47 16.25 23.45
C ASP A 173 7.66 16.21 22.45
N VAL A 174 7.33 16.14 21.17
CA VAL A 174 8.34 16.10 20.11
C VAL A 174 9.00 17.45 19.97
N ARG A 175 8.20 18.51 19.91
CA ARG A 175 8.76 19.86 19.71
C ARG A 175 9.63 20.27 20.89
N GLU A 176 9.20 19.97 22.12
CA GLU A 176 9.89 20.48 23.30
C GLU A 176 11.04 19.59 23.78
N GLY A 177 10.92 18.28 23.59
CA GLY A 177 11.85 17.30 24.17
C GLY A 177 12.13 16.12 23.27
N LYS B 22 -24.29 20.72 1.69
CA LYS B 22 -23.19 20.62 2.71
C LYS B 22 -22.34 19.39 2.36
N SER B 23 -21.13 19.62 1.87
CA SER B 23 -20.26 18.51 1.48
C SER B 23 -19.89 17.65 2.69
N LEU B 24 -19.90 16.32 2.49
CA LEU B 24 -19.50 15.38 3.51
C LEU B 24 -18.12 14.81 3.22
N VAL B 25 -17.72 14.85 1.97
CA VAL B 25 -16.43 14.32 1.55
C VAL B 25 -15.72 15.40 0.75
N GLY B 26 -14.44 15.58 1.01
CA GLY B 26 -13.59 16.43 0.17
C GLY B 26 -12.68 15.54 -0.67
N VAL B 27 -12.67 15.76 -1.99
CA VAL B 27 -11.81 15.01 -2.90
C VAL B 27 -10.79 15.98 -3.46
N ILE B 28 -9.53 15.75 -3.14
CA ILE B 28 -8.45 16.69 -3.49
C ILE B 28 -7.29 16.00 -4.19
N MET B 29 -6.54 16.77 -4.99
CA MET B 29 -5.43 16.24 -5.78
C MET B 29 -4.51 17.38 -6.09
N GLY B 30 -3.24 17.08 -6.35
CA GLY B 30 -2.24 18.15 -6.52
C GLY B 30 -2.21 18.84 -7.86
N SER B 31 -2.78 18.17 -8.86
CA SER B 31 -2.65 18.62 -10.22
C SER B 31 -3.90 18.27 -11.01
N THR B 32 -4.20 19.08 -12.02
CA THR B 32 -5.31 18.80 -12.92
C THR B 32 -5.10 17.45 -13.66
N SER B 33 -3.86 17.03 -13.86
CA SER B 33 -3.59 15.78 -14.51
C SER B 33 -3.99 14.58 -13.64
N ASP B 34 -4.17 14.76 -12.32
CA ASP B 34 -4.69 13.72 -11.46
C ASP B 34 -6.17 13.48 -11.61
N TRP B 35 -6.89 14.40 -12.23
CA TRP B 35 -8.33 14.29 -12.34
C TRP B 35 -8.76 13.02 -13.09
N GLU B 36 -8.02 12.69 -14.15
CA GLU B 36 -8.24 11.47 -14.91
C GLU B 36 -8.34 10.24 -13.97
N THR B 37 -7.56 10.26 -12.90
CA THR B 37 -7.62 9.20 -11.91
C THR B 37 -8.73 9.47 -10.89
N MET B 38 -8.81 10.70 -10.39
CA MET B 38 -9.67 10.98 -9.25
C MET B 38 -11.14 11.06 -9.59
N LYS B 39 -11.50 11.15 -10.87
CA LYS B 39 -12.90 11.28 -11.25
C LYS B 39 -13.71 10.02 -10.84
N TYR B 40 -13.03 8.89 -10.78
CA TYR B 40 -13.69 7.63 -10.43
C TYR B 40 -14.29 7.64 -9.03
N ALA B 41 -13.55 8.21 -8.08
CA ALA B 41 -14.01 8.39 -6.72
C ALA B 41 -15.26 9.28 -6.68
N CYS B 42 -15.23 10.37 -7.44
CA CYS B 42 -16.32 11.32 -7.49
C CYS B 42 -17.57 10.69 -8.13
N ASP B 43 -17.39 9.87 -9.18
CA ASP B 43 -18.48 9.15 -9.81
C ASP B 43 -19.21 8.29 -8.80
N ILE B 44 -18.48 7.63 -7.90
CA ILE B 44 -19.11 6.78 -6.87
C ILE B 44 -19.95 7.62 -5.91
N LEU B 45 -19.37 8.74 -5.47
CA LEU B 45 -20.08 9.62 -4.52
C LEU B 45 -21.37 10.14 -5.15
N ASP B 46 -21.32 10.44 -6.45
CA ASP B 46 -22.51 10.88 -7.17
C ASP B 46 -23.52 9.77 -7.25
N GLU B 47 -23.05 8.56 -7.54
CA GLU B 47 -23.96 7.43 -7.70
C GLU B 47 -24.69 7.19 -6.37
N LEU B 48 -23.98 7.36 -5.27
CA LEU B 48 -24.54 7.15 -3.95
C LEU B 48 -25.13 8.40 -3.31
N ASN B 49 -25.24 9.49 -4.07
CA ASN B 49 -25.85 10.74 -3.60
C ASN B 49 -25.24 11.33 -2.36
N ILE B 50 -23.93 11.22 -2.28
CA ILE B 50 -23.19 11.77 -1.16
C ILE B 50 -22.65 13.14 -1.61
N PRO B 51 -23.05 14.23 -0.92
CA PRO B 51 -22.50 15.50 -1.33
C PRO B 51 -20.99 15.59 -1.06
N TYR B 52 -20.26 16.15 -2.01
CA TYR B 52 -18.81 16.27 -1.93
C TYR B 52 -18.34 17.54 -2.61
N GLU B 53 -17.09 17.90 -2.32
CA GLU B 53 -16.43 18.97 -3.01
C GLU B 53 -15.18 18.39 -3.64
N LYS B 54 -14.70 19.01 -4.72
CA LYS B 54 -13.49 18.56 -5.37
C LYS B 54 -12.63 19.76 -5.65
N LYS B 55 -11.34 19.67 -5.32
CA LYS B 55 -10.41 20.82 -5.41
C LYS B 55 -9.03 20.35 -5.78
N VAL B 56 -8.28 21.21 -6.46
CA VAL B 56 -6.85 21.05 -6.59
C VAL B 56 -6.19 21.68 -5.35
N VAL B 57 -5.46 20.87 -4.62
CA VAL B 57 -4.73 21.27 -3.42
C VAL B 57 -3.40 20.52 -3.55
N SER B 58 -2.29 21.26 -3.65
CA SER B 58 -0.97 20.66 -3.86
C SER B 58 -0.10 20.76 -2.62
N ALA B 59 0.40 19.62 -2.17
CA ALA B 59 1.32 19.61 -1.03
C ALA B 59 2.58 20.41 -1.34
N HIS B 60 3.03 20.38 -2.59
CA HIS B 60 4.31 20.94 -2.95
C HIS B 60 4.25 22.30 -3.56
N ARG B 61 3.17 22.59 -4.27
CA ARG B 61 3.01 23.89 -4.91
C ARG B 61 2.09 24.85 -4.14
N THR B 62 1.22 24.32 -3.28
CA THR B 62 0.36 25.17 -2.42
C THR B 62 0.37 24.67 -0.98
N PRO B 63 1.57 24.53 -0.38
CA PRO B 63 1.66 23.92 0.94
C PRO B 63 0.84 24.64 2.04
N ASP B 64 0.86 25.94 2.05
CA ASP B 64 0.04 26.66 3.05
C ASP B 64 -1.45 26.43 2.86
N TYR B 65 -1.92 26.49 1.62
CA TYR B 65 -3.31 26.22 1.29
C TYR B 65 -3.70 24.81 1.72
N MET B 66 -2.79 23.86 1.52
CA MET B 66 -3.04 22.50 1.93
C MET B 66 -3.26 22.43 3.43
N PHE B 67 -2.43 23.10 4.21
CA PHE B 67 -2.63 23.10 5.66
C PHE B 67 -3.95 23.74 6.05
N GLU B 68 -4.28 24.88 5.42
CA GLU B 68 -5.58 25.53 5.66
C GLU B 68 -6.75 24.62 5.32
N TYR B 69 -6.69 23.97 4.15
CA TYR B 69 -7.74 23.04 3.76
C TYR B 69 -7.92 21.96 4.83
N ALA B 70 -6.82 21.30 5.20
CA ALA B 70 -6.85 20.20 6.18
C ALA B 70 -7.35 20.65 7.54
N GLU B 71 -6.78 21.74 8.02
CA GLU B 71 -7.12 22.38 9.28
C GLU B 71 -8.58 22.62 9.48
N THR B 72 -9.23 23.15 8.44
CA THR B 72 -10.58 23.65 8.55
C THR B 72 -11.64 22.65 8.12
N ALA B 73 -11.21 21.52 7.60
CA ALA B 73 -12.12 20.50 7.07
C ALA B 73 -13.24 20.11 8.06
N ARG B 74 -12.84 19.80 9.28
CA ARG B 74 -13.77 19.41 10.34
C ARG B 74 -14.82 20.51 10.62
N GLU B 75 -14.36 21.74 10.87
CA GLU B 75 -15.26 22.90 11.09
C GLU B 75 -16.20 23.09 9.93
N ARG B 76 -15.73 22.80 8.72
CA ARG B 76 -16.50 23.01 7.52
C ARG B 76 -17.55 21.92 7.29
N GLY B 77 -17.52 20.85 8.08
CA GLY B 77 -18.54 19.80 8.00
C GLY B 77 -18.15 18.54 7.25
N LEU B 78 -16.91 18.49 6.72
CA LEU B 78 -16.43 17.28 6.08
C LEU B 78 -16.22 16.16 7.10
N LYS B 79 -16.47 14.93 6.66
CA LYS B 79 -16.29 13.74 7.48
C LYS B 79 -15.12 12.87 7.02
N VAL B 80 -14.77 12.94 5.75
CA VAL B 80 -13.71 12.13 5.15
C VAL B 80 -13.05 12.98 4.07
N ILE B 81 -11.74 12.84 3.93
CA ILE B 81 -11.06 13.46 2.79
C ILE B 81 -10.46 12.36 1.95
N ILE B 82 -10.66 12.45 0.65
CA ILE B 82 -9.98 11.59 -0.30
C ILE B 82 -8.94 12.43 -0.99
N ALA B 83 -7.68 11.99 -0.93
CA ALA B 83 -6.56 12.72 -1.54
C ALA B 83 -5.74 11.87 -2.50
N GLY B 84 -5.53 12.36 -3.72
CA GLY B 84 -4.75 11.63 -4.72
C GLY B 84 -3.44 12.32 -4.99
N ALA B 85 -2.38 11.53 -5.17
CA ALA B 85 -1.05 12.08 -5.52
C ALA B 85 -0.19 10.97 -6.09
N GLY B 86 0.81 11.34 -6.87
CA GLY B 86 1.74 10.39 -7.48
C GLY B 86 3.19 10.75 -7.25
N GLY B 87 4.10 9.85 -7.57
CA GLY B 87 5.55 10.15 -7.42
C GLY B 87 5.90 10.15 -5.94
N ALA B 88 6.60 11.21 -5.49
CA ALA B 88 6.77 11.48 -4.09
C ALA B 88 5.44 12.08 -3.65
N ALA B 89 4.54 11.19 -3.22
CA ALA B 89 3.15 11.50 -3.03
C ALA B 89 2.88 11.87 -1.57
N HIS B 90 2.92 13.16 -1.27
CA HIS B 90 2.86 13.66 0.10
C HIS B 90 1.53 14.24 0.52
N LEU B 91 0.64 14.51 -0.42
CA LEU B 91 -0.60 15.15 -0.11
C LEU B 91 -1.46 14.38 0.91
N PRO B 92 -1.71 13.08 0.69
CA PRO B 92 -2.55 12.42 1.70
C PRO B 92 -1.97 12.45 3.13
N GLY B 93 -0.67 12.24 3.25
CA GLY B 93 -0.03 12.15 4.55
C GLY B 93 0.08 13.46 5.29
N MET B 94 0.28 14.53 4.53
CA MET B 94 0.40 15.84 5.12
C MET B 94 -0.96 16.40 5.52
N VAL B 95 -2.00 16.10 4.73
CA VAL B 95 -3.37 16.37 5.13
C VAL B 95 -3.72 15.61 6.41
N ALA B 96 -3.40 14.31 6.43
CA ALA B 96 -3.62 13.46 7.62
C ALA B 96 -2.91 13.95 8.86
N ALA B 97 -1.73 14.56 8.70
CA ALA B 97 -1.04 15.13 9.83
C ALA B 97 -1.75 16.37 10.43
N LYS B 98 -2.62 16.98 9.64
CA LYS B 98 -3.28 18.23 9.98
C LYS B 98 -4.77 18.10 10.26
N THR B 99 -5.31 16.89 10.18
CA THR B 99 -6.70 16.65 10.61
C THR B 99 -6.83 15.26 11.21
N ASN B 100 -7.84 15.09 12.07
CA ASN B 100 -8.21 13.76 12.56
C ASN B 100 -9.47 13.16 11.93
N LEU B 101 -9.95 13.78 10.84
CA LEU B 101 -10.81 13.09 9.90
C LEU B 101 -10.04 11.93 9.29
N PRO B 102 -10.75 10.84 8.98
CA PRO B 102 -10.09 9.85 8.16
C PRO B 102 -9.67 10.38 6.81
N VAL B 103 -8.47 10.02 6.40
CA VAL B 103 -7.95 10.43 5.12
C VAL B 103 -7.61 9.19 4.29
N ILE B 104 -8.17 9.15 3.10
CA ILE B 104 -7.99 8.08 2.16
C ILE B 104 -7.04 8.55 1.06
N GLY B 105 -5.97 7.79 0.84
CA GLY B 105 -4.95 8.14 -0.12
C GLY B 105 -5.00 7.25 -1.35
N VAL B 106 -5.13 7.90 -2.51
CA VAL B 106 -5.14 7.24 -3.82
C VAL B 106 -3.79 7.42 -4.48
N PRO B 107 -3.02 6.34 -4.64
CA PRO B 107 -1.75 6.45 -5.37
C PRO B 107 -2.00 6.55 -6.87
N VAL B 108 -1.63 7.69 -7.44
CA VAL B 108 -1.78 7.94 -8.85
C VAL B 108 -0.62 7.24 -9.54
N GLN B 109 -0.92 6.58 -10.66
CA GLN B 109 0.11 5.88 -11.42
C GLN B 109 1.10 6.91 -11.98
N SER B 110 2.37 6.77 -11.59
CA SER B 110 3.42 7.65 -12.07
C SER B 110 3.98 7.08 -13.37
N LYS B 111 4.71 7.91 -14.10
CA LYS B 111 5.22 7.57 -15.38
C LYS B 111 6.36 6.54 -15.32
N ALA B 112 7.40 6.82 -14.57
CA ALA B 112 8.58 5.91 -14.59
C ALA B 112 8.31 4.64 -13.77
N LEU B 113 7.81 4.78 -12.56
CA LEU B 113 7.78 3.67 -11.62
C LEU B 113 6.38 3.11 -11.42
N ASN B 114 5.45 3.54 -12.26
CA ASN B 114 4.11 2.93 -12.33
C ASN B 114 3.34 2.96 -11.03
N GLY B 115 3.56 4.02 -10.25
CA GLY B 115 2.87 4.15 -8.99
C GLY B 115 3.46 3.41 -7.82
N LEU B 116 4.57 2.73 -8.01
CA LEU B 116 5.24 2.11 -6.89
C LEU B 116 5.77 3.18 -5.94
N ASP B 117 6.40 4.23 -6.48
CA ASP B 117 6.73 5.41 -5.64
C ASP B 117 5.50 6.03 -4.96
N SER B 118 4.43 6.26 -5.72
CA SER B 118 3.21 6.81 -5.17
C SER B 118 2.71 5.98 -4.00
N LEU B 119 2.65 4.65 -4.19
CA LEU B 119 2.15 3.76 -3.15
C LEU B 119 2.96 3.81 -1.86
N LEU B 120 4.27 3.63 -1.97
CA LEU B 120 5.12 3.59 -0.79
C LEU B 120 5.11 4.93 -0.04
N SER B 121 5.09 6.05 -0.78
CA SER B 121 5.04 7.42 -0.25
C SER B 121 3.80 7.68 0.56
N ILE B 122 2.72 6.98 0.19
CA ILE B 122 1.44 7.14 0.85
C ILE B 122 1.20 6.15 1.98
N VAL B 123 1.43 4.86 1.71
CA VAL B 123 1.01 3.83 2.66
C VAL B 123 1.91 3.76 3.89
N GLN B 124 3.20 4.09 3.72
CA GLN B 124 4.18 3.83 4.76
C GLN B 124 4.21 4.89 5.87
N MET B 125 3.06 5.44 6.23
CA MET B 125 3.01 6.45 7.27
C MET B 125 3.43 5.91 8.63
N PRO B 126 4.06 6.81 9.45
CA PRO B 126 4.51 6.44 10.77
C PRO B 126 3.36 6.41 11.78
N GLY B 127 3.62 5.73 12.90
CA GLY B 127 2.64 5.62 13.97
C GLY B 127 2.16 6.99 14.42
N GLY B 128 0.83 7.18 14.42
CA GLY B 128 0.24 8.42 14.84
C GLY B 128 -0.56 9.12 13.76
N VAL B 129 -0.20 8.85 12.50
CA VAL B 129 -0.82 9.52 11.37
C VAL B 129 -1.19 8.53 10.30
N PRO B 130 -2.31 7.80 10.50
CA PRO B 130 -2.75 6.87 9.46
C PRO B 130 -3.20 7.56 8.21
N VAL B 131 -2.96 6.88 7.07
CA VAL B 131 -3.64 7.18 5.82
C VAL B 131 -4.22 5.85 5.34
N ALA B 132 -5.52 5.85 5.08
CA ALA B 132 -6.21 4.71 4.48
C ALA B 132 -5.86 4.61 3.00
N THR B 133 -4.99 3.66 2.65
CA THR B 133 -4.44 3.61 1.32
C THR B 133 -5.18 2.60 0.47
N VAL B 134 -5.49 3.00 -0.75
CA VAL B 134 -6.18 2.12 -1.72
C VAL B 134 -5.26 1.83 -2.91
N ALA B 135 -5.74 1.02 -3.86
CA ALA B 135 -4.91 0.53 -4.95
C ALA B 135 -4.36 1.67 -5.81
N ILE B 136 -3.27 1.40 -6.51
CA ILE B 136 -2.74 2.33 -7.50
C ILE B 136 -3.77 2.52 -8.62
N GLY B 137 -3.99 3.78 -8.99
CA GLY B 137 -4.80 4.10 -10.15
C GLY B 137 -6.32 4.06 -9.96
N LYS B 138 -6.99 3.76 -11.06
CA LYS B 138 -8.41 4.00 -11.16
C LYS B 138 -9.25 3.08 -10.28
N ALA B 139 -8.83 1.83 -10.12
CA ALA B 139 -9.52 0.91 -9.20
C ALA B 139 -9.48 1.45 -7.76
N GLY B 140 -8.33 1.99 -7.36
CA GLY B 140 -8.20 2.61 -6.06
C GLY B 140 -9.10 3.84 -5.91
N SER B 141 -9.17 4.64 -6.95
CA SER B 141 -9.99 5.85 -6.94
C SER B 141 -11.47 5.46 -6.76
N THR B 142 -11.95 4.51 -7.55
CA THR B 142 -13.29 3.93 -7.32
C THR B 142 -13.42 3.51 -5.87
N ASN B 143 -12.43 2.76 -5.39
CA ASN B 143 -12.48 2.24 -4.03
C ASN B 143 -12.42 3.31 -2.93
N ALA B 144 -11.78 4.46 -3.21
CA ALA B 144 -11.77 5.57 -2.26
C ALA B 144 -13.16 6.15 -2.04
N GLY B 145 -13.90 6.30 -3.14
CA GLY B 145 -15.30 6.70 -3.09
C GLY B 145 -16.14 5.72 -2.27
N LEU B 146 -15.94 4.43 -2.51
CA LEU B 146 -16.69 3.40 -1.82
C LEU B 146 -16.34 3.38 -0.33
N LEU B 147 -15.06 3.55 -0.04
CA LEU B 147 -14.57 3.53 1.33
C LEU B 147 -15.07 4.75 2.09
N ALA B 148 -15.06 5.93 1.46
CA ALA B 148 -15.68 7.12 2.07
C ALA B 148 -17.15 6.85 2.40
N ALA B 149 -17.87 6.29 1.44
CA ALA B 149 -19.26 5.87 1.69
C ALA B 149 -19.41 4.89 2.84
N GLN B 150 -18.52 3.90 2.92
CA GLN B 150 -18.61 2.89 4.00
C GLN B 150 -18.41 3.57 5.34
N ILE B 151 -17.51 4.53 5.38
CA ILE B 151 -17.26 5.28 6.62
C ILE B 151 -18.52 6.04 7.05
N LEU B 152 -19.17 6.71 6.11
CA LEU B 152 -20.45 7.34 6.36
C LEU B 152 -21.53 6.30 6.73
N GLY B 153 -21.48 5.18 6.02
CA GLY B 153 -22.42 4.08 6.21
C GLY B 153 -22.34 3.38 7.55
N SER B 154 -21.24 3.54 8.26
CA SER B 154 -21.13 2.99 9.61
C SER B 154 -22.10 3.69 10.56
N PHE B 155 -22.53 4.92 10.24
CA PHE B 155 -23.54 5.61 11.01
C PHE B 155 -24.82 6.01 10.28
N HIS B 156 -24.78 6.09 8.95
CA HIS B 156 -25.97 6.34 8.16
C HIS B 156 -26.46 5.04 7.50
N ASP B 157 -27.54 4.50 8.05
CA ASP B 157 -28.08 3.22 7.60
C ASP B 157 -28.46 3.23 6.12
N ASP B 158 -28.99 4.35 5.65
CA ASP B 158 -29.39 4.41 4.25
C ASP B 158 -28.20 4.32 3.30
N ILE B 159 -27.06 4.86 3.69
CA ILE B 159 -25.90 4.72 2.89
C ILE B 159 -25.41 3.27 2.95
N HIS B 160 -25.39 2.70 4.15
CA HIS B 160 -25.01 1.31 4.25
C HIS B 160 -25.92 0.44 3.37
N ASP B 161 -27.22 0.66 3.44
CA ASP B 161 -28.15 -0.13 2.63
C ASP B 161 -27.92 0.06 1.13
N ALA B 162 -27.56 1.28 0.70
CA ALA B 162 -27.30 1.53 -0.71
C ALA B 162 -26.05 0.75 -1.15
N LEU B 163 -25.06 0.67 -0.27
CA LEU B 163 -23.82 -0.04 -0.58
C LEU B 163 -24.12 -1.52 -0.74
N GLU B 164 -24.94 -2.07 0.14
CA GLU B 164 -25.35 -3.48 0.06
C GLU B 164 -26.08 -3.78 -1.24
N LEU B 165 -27.03 -2.93 -1.59
CA LEU B 165 -27.79 -3.09 -2.83
C LEU B 165 -26.90 -3.00 -4.05
N ARG B 166 -25.95 -2.09 -4.04
CA ARG B 166 -25.05 -1.93 -5.17
C ARG B 166 -24.18 -3.17 -5.37
N ARG B 167 -23.66 -3.67 -4.27
CA ARG B 167 -22.84 -4.86 -4.27
C ARG B 167 -23.64 -6.08 -4.71
N GLU B 168 -24.89 -6.17 -4.24
CA GLU B 168 -25.75 -7.29 -4.57
C GLU B 168 -26.10 -7.31 -6.08
N ALA B 169 -26.35 -6.14 -6.65
CA ALA B 169 -26.59 -6.02 -8.08
C ALA B 169 -25.37 -6.43 -8.93
N ILE B 170 -24.18 -6.03 -8.50
CA ILE B 170 -22.95 -6.44 -9.20
C ILE B 170 -22.76 -7.97 -9.11
N GLU B 171 -22.98 -8.54 -7.93
CA GLU B 171 -22.89 -9.99 -7.73
C GLU B 171 -23.79 -10.72 -8.70
N LYS B 172 -25.04 -10.29 -8.78
CA LYS B 172 -26.02 -10.94 -9.67
C LYS B 172 -25.58 -10.83 -11.13
N ASP B 173 -25.11 -9.65 -11.51
CA ASP B 173 -24.62 -9.37 -12.86
C ASP B 173 -23.46 -10.28 -13.27
N VAL B 174 -22.48 -10.39 -12.37
CA VAL B 174 -21.30 -11.21 -12.60
C VAL B 174 -21.72 -12.67 -12.68
N ARG B 175 -22.51 -13.14 -11.71
CA ARG B 175 -22.83 -14.55 -11.64
C ARG B 175 -23.70 -14.95 -12.82
N GLU B 176 -24.60 -14.09 -13.25
CA GLU B 176 -25.53 -14.52 -14.30
C GLU B 176 -24.96 -14.40 -15.74
N GLY B 177 -23.98 -13.54 -15.93
CA GLY B 177 -23.15 -13.58 -17.14
C GLY B 177 -22.00 -14.61 -17.09
N SER B 178 -22.07 -15.60 -16.18
CA SER B 178 -20.90 -16.41 -15.72
C SER B 178 -20.36 -17.42 -16.72
N GLU B 179 -21.25 -17.97 -17.54
CA GLU B 179 -20.83 -18.86 -18.65
C GLU B 179 -19.99 -18.11 -19.67
N LEU B 180 -18.94 -18.78 -20.20
CA LEU B 180 -18.10 -18.20 -21.25
C LEU B 180 -18.18 -19.00 -22.55
N LYS C 22 -18.34 -35.00 -19.26
CA LYS C 22 -17.91 -34.78 -17.85
C LYS C 22 -16.60 -34.00 -17.77
N SER C 23 -16.64 -32.76 -17.30
CA SER C 23 -15.46 -31.92 -17.24
C SER C 23 -14.47 -32.45 -16.22
N LEU C 24 -13.20 -32.53 -16.61
CA LEU C 24 -12.13 -32.92 -15.69
C LEU C 24 -11.43 -31.72 -15.11
N VAL C 25 -11.47 -30.59 -15.82
CA VAL C 25 -10.79 -29.36 -15.39
C VAL C 25 -11.76 -28.19 -15.39
N GLY C 26 -11.72 -27.36 -14.36
CA GLY C 26 -12.45 -26.10 -14.35
C GLY C 26 -11.48 -24.96 -14.57
N VAL C 27 -11.81 -24.07 -15.49
CA VAL C 27 -11.02 -22.90 -15.75
C VAL C 27 -11.85 -21.70 -15.35
N ILE C 28 -11.40 -20.98 -14.33
CA ILE C 28 -12.16 -19.86 -13.79
C ILE C 28 -11.31 -18.58 -13.71
N MET C 29 -11.99 -17.44 -13.71
CA MET C 29 -11.36 -16.14 -13.65
C MET C 29 -12.36 -15.16 -13.07
N GLY C 30 -11.87 -14.08 -12.50
CA GLY C 30 -12.73 -13.11 -11.82
C GLY C 30 -13.47 -12.16 -12.72
N SER C 31 -12.93 -11.95 -13.92
CA SER C 31 -13.44 -10.95 -14.81
C SER C 31 -13.40 -11.42 -16.25
N THR C 32 -14.36 -10.98 -17.06
CA THR C 32 -14.35 -11.27 -18.49
C THR C 32 -13.07 -10.74 -19.14
N SER C 33 -12.50 -9.68 -18.58
CA SER C 33 -11.27 -9.12 -19.16
C SER C 33 -10.05 -10.06 -18.97
N ASP C 34 -10.13 -11.02 -18.05
CA ASP C 34 -9.09 -12.03 -17.90
C ASP C 34 -9.12 -13.10 -19.00
N TRP C 35 -10.22 -13.19 -19.74
CA TRP C 35 -10.41 -14.26 -20.74
C TRP C 35 -9.29 -14.29 -21.81
N GLU C 36 -8.87 -13.10 -22.24
CA GLU C 36 -7.75 -12.92 -23.19
C GLU C 36 -6.54 -13.75 -22.72
N THR C 37 -6.30 -13.74 -21.42
CA THR C 37 -5.19 -14.52 -20.85
C THR C 37 -5.55 -15.99 -20.68
N MET C 38 -6.73 -16.24 -20.12
CA MET C 38 -7.14 -17.60 -19.73
C MET C 38 -7.46 -18.52 -20.90
N LYS C 39 -7.72 -17.96 -22.07
CA LYS C 39 -8.05 -18.76 -23.25
CA LYS C 39 -8.07 -18.79 -23.22
C LYS C 39 -6.90 -19.70 -23.62
N TYR C 40 -5.67 -19.26 -23.38
CA TYR C 40 -4.49 -20.07 -23.68
C TYR C 40 -4.50 -21.44 -22.98
N ALA C 41 -4.91 -21.45 -21.72
CA ALA C 41 -5.08 -22.71 -20.98
C ALA C 41 -6.13 -23.58 -21.67
N CYS C 42 -7.25 -22.96 -22.03
CA CYS C 42 -8.34 -23.69 -22.67
C CYS C 42 -7.94 -24.31 -24.00
N ASP C 43 -7.19 -23.53 -24.80
CA ASP C 43 -6.70 -24.00 -26.09
C ASP C 43 -5.86 -25.30 -25.96
N ILE C 44 -5.03 -25.36 -24.93
CA ILE C 44 -4.25 -26.55 -24.62
C ILE C 44 -5.19 -27.72 -24.25
N LEU C 45 -6.16 -27.46 -23.39
CA LEU C 45 -7.11 -28.53 -23.04
C LEU C 45 -7.86 -29.04 -24.27
N ASP C 46 -8.32 -28.13 -25.12
CA ASP C 46 -8.91 -28.53 -26.39
C ASP C 46 -7.99 -29.35 -27.29
N GLU C 47 -6.73 -28.93 -27.37
CA GLU C 47 -5.77 -29.59 -28.20
C GLU C 47 -5.59 -31.04 -27.73
N LEU C 48 -5.63 -31.23 -26.42
CA LEU C 48 -5.40 -32.55 -25.82
C LEU C 48 -6.66 -33.35 -25.57
N ASN C 49 -7.79 -32.78 -25.99
N ASN C 49 -7.80 -32.84 -26.01
CA ASN C 49 -9.10 -33.39 -25.83
CA ASN C 49 -9.10 -33.51 -25.79
C ASN C 49 -9.43 -33.73 -24.39
C ASN C 49 -9.48 -33.74 -24.37
N ILE C 50 -9.11 -32.82 -23.48
CA ILE C 50 -9.47 -32.92 -22.07
C ILE C 50 -10.74 -32.09 -21.82
N PRO C 51 -11.85 -32.73 -21.40
CA PRO C 51 -13.06 -31.93 -21.21
C PRO C 51 -12.91 -30.95 -20.06
N TYR C 52 -13.41 -29.75 -20.24
CA TYR C 52 -13.29 -28.72 -19.23
C TYR C 52 -14.49 -27.81 -19.27
N GLU C 53 -14.65 -27.03 -18.22
CA GLU C 53 -15.67 -26.00 -18.16
C GLU C 53 -14.94 -24.68 -17.92
N LYS C 54 -15.53 -23.58 -18.37
CA LYS C 54 -14.94 -22.26 -18.17
C LYS C 54 -16.02 -21.31 -17.68
N LYS C 55 -15.70 -20.59 -16.60
CA LYS C 55 -16.65 -19.74 -15.89
C LYS C 55 -16.00 -18.49 -15.30
N VAL C 56 -16.75 -17.41 -15.24
CA VAL C 56 -16.35 -16.26 -14.45
C VAL C 56 -16.82 -16.49 -13.01
N VAL C 57 -15.85 -16.52 -12.10
CA VAL C 57 -16.05 -16.73 -10.67
C VAL C 57 -15.12 -15.73 -9.98
N SER C 58 -15.67 -14.75 -9.29
CA SER C 58 -14.87 -13.64 -8.76
C SER C 58 -14.76 -13.76 -7.26
N ALA C 59 -13.53 -13.75 -6.74
CA ALA C 59 -13.33 -13.82 -5.28
C ALA C 59 -13.94 -12.63 -4.58
N HIS C 60 -13.93 -11.48 -5.24
CA HIS C 60 -14.29 -10.24 -4.58
C HIS C 60 -15.69 -9.75 -4.90
N ARG C 61 -16.21 -10.09 -6.08
CA ARG C 61 -17.52 -9.69 -6.51
C ARG C 61 -18.56 -10.80 -6.37
N THR C 62 -18.15 -12.08 -6.39
CA THR C 62 -19.08 -13.18 -6.16
C THR C 62 -18.48 -14.16 -5.14
N PRO C 63 -18.19 -13.68 -3.92
CA PRO C 63 -17.48 -14.52 -2.96
C PRO C 63 -18.25 -15.80 -2.57
N ASP C 64 -19.57 -15.70 -2.34
CA ASP C 64 -20.34 -16.92 -1.96
C ASP C 64 -20.35 -17.95 -3.08
N TYR C 65 -20.56 -17.49 -4.31
CA TYR C 65 -20.50 -18.34 -5.49
C TYR C 65 -19.12 -19.01 -5.62
N MET C 66 -18.06 -18.25 -5.34
CA MET C 66 -16.72 -18.81 -5.36
C MET C 66 -16.58 -19.95 -4.38
N PHE C 67 -17.06 -19.77 -3.15
CA PHE C 67 -17.05 -20.89 -2.17
C PHE C 67 -17.87 -22.11 -2.63
N GLU C 68 -19.03 -21.87 -3.20
CA GLU C 68 -19.87 -22.96 -3.70
C GLU C 68 -19.18 -23.73 -4.84
N TYR C 69 -18.60 -23.00 -5.77
CA TYR C 69 -17.87 -23.62 -6.87
C TYR C 69 -16.73 -24.50 -6.35
N ALA C 70 -15.91 -23.96 -5.44
CA ALA C 70 -14.74 -24.70 -4.91
C ALA C 70 -15.19 -25.94 -4.10
N GLU C 71 -16.18 -25.73 -3.24
CA GLU C 71 -16.75 -26.74 -2.37
C GLU C 71 -17.27 -27.96 -3.09
N THR C 72 -17.91 -27.73 -4.23
CA THR C 72 -18.60 -28.77 -4.96
C THR C 72 -17.77 -29.35 -6.10
N ALA C 73 -16.58 -28.79 -6.32
CA ALA C 73 -15.76 -29.18 -7.45
C ALA C 73 -15.52 -30.71 -7.51
N ARG C 74 -15.06 -31.24 -6.39
CA ARG C 74 -14.77 -32.67 -6.24
C ARG C 74 -16.02 -33.52 -6.54
N GLU C 75 -17.15 -33.26 -5.86
CA GLU C 75 -18.43 -33.98 -6.12
C GLU C 75 -18.83 -33.91 -7.56
N ARG C 76 -18.55 -32.78 -8.20
CA ARG C 76 -18.94 -32.58 -9.60
C ARG C 76 -18.03 -33.32 -10.60
N GLY C 77 -16.93 -33.90 -10.12
CA GLY C 77 -16.07 -34.70 -10.99
C GLY C 77 -14.83 -34.00 -11.50
N LEU C 78 -14.63 -32.74 -11.10
CA LEU C 78 -13.38 -32.05 -11.49
C LEU C 78 -12.18 -32.65 -10.76
N LYS C 79 -11.05 -32.70 -11.45
CA LYS C 79 -9.80 -33.18 -10.89
C LYS C 79 -8.79 -32.07 -10.63
N VAL C 80 -8.92 -30.97 -11.37
CA VAL C 80 -8.02 -29.84 -11.29
C VAL C 80 -8.79 -28.55 -11.57
N ILE C 81 -8.41 -27.49 -10.89
CA ILE C 81 -8.98 -26.18 -11.17
C ILE C 81 -7.87 -25.24 -11.59
N ILE C 82 -8.08 -24.54 -12.70
CA ILE C 82 -7.17 -23.48 -13.15
C ILE C 82 -7.87 -22.16 -12.88
N ALA C 83 -7.22 -21.28 -12.14
CA ALA C 83 -7.83 -20.01 -11.75
C ALA C 83 -6.87 -18.86 -12.09
N GLY C 84 -7.40 -17.85 -12.78
CA GLY C 84 -6.63 -16.66 -13.18
C GLY C 84 -7.13 -15.46 -12.41
N ALA C 85 -6.21 -14.62 -11.97
CA ALA C 85 -6.58 -13.39 -11.30
C ALA C 85 -5.39 -12.44 -11.36
N GLY C 86 -5.67 -11.14 -11.28
CA GLY C 86 -4.63 -10.10 -11.31
C GLY C 86 -4.76 -9.14 -10.14
N GLY C 87 -3.71 -8.33 -9.94
CA GLY C 87 -3.73 -7.34 -8.85
C GLY C 87 -3.62 -8.01 -7.50
N ALA C 88 -4.54 -7.68 -6.59
CA ALA C 88 -4.75 -8.48 -5.39
C ALA C 88 -5.49 -9.73 -5.81
N ALA C 89 -4.72 -10.75 -6.16
CA ALA C 89 -5.23 -11.91 -6.88
C ALA C 89 -5.54 -13.00 -5.86
N HIS C 90 -6.77 -13.03 -5.39
CA HIS C 90 -7.13 -13.93 -4.30
C HIS C 90 -7.83 -15.19 -4.78
N LEU C 91 -8.33 -15.16 -6.01
CA LEU C 91 -9.16 -16.27 -6.49
C LEU C 91 -8.51 -17.66 -6.36
N PRO C 92 -7.29 -17.83 -6.86
CA PRO C 92 -6.70 -19.16 -6.75
C PRO C 92 -6.55 -19.60 -5.30
N GLY C 93 -6.11 -18.70 -4.44
CA GLY C 93 -5.85 -19.10 -3.05
C GLY C 93 -7.09 -19.39 -2.25
N MET C 94 -8.13 -18.62 -2.49
CA MET C 94 -9.37 -18.83 -1.79
C MET C 94 -10.11 -20.08 -2.28
N VAL C 95 -10.02 -20.38 -3.58
CA VAL C 95 -10.53 -21.63 -4.10
C VAL C 95 -9.73 -22.79 -3.48
N ALA C 96 -8.41 -22.63 -3.42
CA ALA C 96 -7.53 -23.67 -2.83
C ALA C 96 -7.84 -23.91 -1.34
N ALA C 97 -8.27 -22.87 -0.62
CA ALA C 97 -8.65 -23.02 0.78
C ALA C 97 -9.92 -23.86 0.96
N LYS C 98 -10.71 -23.97 -0.10
CA LYS C 98 -12.01 -24.62 -0.07
C LYS C 98 -12.12 -25.97 -0.81
N THR C 99 -11.05 -26.44 -1.42
CA THR C 99 -10.99 -27.77 -2.04
C THR C 99 -9.60 -28.36 -1.84
N ASN C 100 -9.53 -29.69 -1.85
CA ASN C 100 -8.23 -30.36 -1.92
C ASN C 100 -7.90 -30.94 -3.29
N LEU C 101 -8.65 -30.53 -4.32
CA LEU C 101 -8.16 -30.66 -5.68
C LEU C 101 -6.95 -29.76 -5.79
N PRO C 102 -5.98 -30.13 -6.65
CA PRO C 102 -4.90 -29.21 -6.99
C PRO C 102 -5.44 -27.97 -7.69
N VAL C 103 -4.97 -26.80 -7.29
CA VAL C 103 -5.42 -25.58 -7.87
C VAL C 103 -4.18 -24.92 -8.47
N ILE C 104 -4.30 -24.57 -9.74
CA ILE C 104 -3.25 -23.90 -10.50
C ILE C 104 -3.62 -22.45 -10.65
N GLY C 105 -2.71 -21.59 -10.25
CA GLY C 105 -2.96 -20.16 -10.31
C GLY C 105 -2.20 -19.45 -11.43
N VAL C 106 -2.95 -18.75 -12.28
CA VAL C 106 -2.35 -17.92 -13.35
C VAL C 106 -2.35 -16.45 -12.96
N PRO C 107 -1.16 -15.86 -12.74
CA PRO C 107 -1.11 -14.42 -12.49
C PRO C 107 -1.36 -13.64 -13.75
N VAL C 108 -2.47 -12.91 -13.79
CA VAL C 108 -2.81 -12.10 -14.94
C VAL C 108 -1.99 -10.83 -14.83
N GLN C 109 -1.49 -10.36 -15.97
CA GLN C 109 -0.65 -9.14 -15.99
C GLN C 109 -1.53 -7.97 -15.63
N SER C 110 -1.26 -7.32 -14.52
CA SER C 110 -1.99 -6.13 -14.11
C SER C 110 -1.41 -4.90 -14.81
N LYS C 111 -2.18 -3.82 -14.82
CA LYS C 111 -1.81 -2.60 -15.51
C LYS C 111 -0.63 -1.87 -14.87
N ALA C 112 -0.73 -1.53 -13.60
CA ALA C 112 0.36 -0.74 -13.00
C ALA C 112 1.61 -1.59 -12.79
N LEU C 113 1.47 -2.71 -12.09
CA LEU C 113 2.62 -3.44 -11.59
C LEU C 113 3.01 -4.65 -12.43
N ASN C 114 2.41 -4.77 -13.61
CA ASN C 114 2.81 -5.81 -14.61
C ASN C 114 2.81 -7.22 -14.09
N GLY C 115 1.84 -7.49 -13.20
CA GLY C 115 1.65 -8.82 -12.69
C GLY C 115 2.52 -9.18 -11.49
N LEU C 116 3.38 -8.27 -11.04
CA LEU C 116 4.14 -8.52 -9.84
C LEU C 116 3.22 -8.65 -8.62
N ASP C 117 2.21 -7.79 -8.53
CA ASP C 117 1.20 -7.95 -7.50
C ASP C 117 0.45 -9.29 -7.65
N SER C 118 0.06 -9.60 -8.88
CA SER C 118 -0.70 -10.82 -9.13
C SER C 118 0.14 -12.03 -8.67
N LEU C 119 1.41 -12.02 -9.04
CA LEU C 119 2.29 -13.15 -8.75
C LEU C 119 2.47 -13.35 -7.26
N LEU C 120 2.80 -12.26 -6.55
CA LEU C 120 3.07 -12.39 -5.11
C LEU C 120 1.80 -12.78 -4.35
N SER C 121 0.66 -12.30 -4.84
CA SER C 121 -0.67 -12.56 -4.23
C SER C 121 -1.08 -14.01 -4.36
N ILE C 122 -0.56 -14.66 -5.40
CA ILE C 122 -0.89 -16.07 -5.67
C ILE C 122 0.13 -17.06 -5.10
N VAL C 123 1.43 -16.80 -5.35
CA VAL C 123 2.44 -17.77 -5.05
C VAL C 123 2.76 -17.87 -3.57
N GLN C 124 2.61 -16.78 -2.82
CA GLN C 124 3.08 -16.75 -1.43
C GLN C 124 2.10 -17.34 -0.41
N MET C 125 1.40 -18.39 -0.77
CA MET C 125 0.43 -19.03 0.08
C MET C 125 1.11 -19.69 1.29
N PRO C 126 0.46 -19.61 2.45
CA PRO C 126 0.98 -20.16 3.70
C PRO C 126 0.86 -21.66 3.74
N GLY C 127 1.66 -22.29 4.62
CA GLY C 127 1.64 -23.74 4.79
C GLY C 127 0.23 -24.23 4.99
N GLY C 128 -0.16 -25.24 4.19
CA GLY C 128 -1.48 -25.85 4.33
C GLY C 128 -2.34 -25.70 3.10
N VAL C 129 -2.09 -24.64 2.33
CA VAL C 129 -2.96 -24.30 1.22
C VAL C 129 -2.12 -24.00 -0.01
N PRO C 130 -1.59 -25.07 -0.63
CA PRO C 130 -0.82 -24.81 -1.82
C PRO C 130 -1.63 -24.28 -2.98
N VAL C 131 -0.99 -23.40 -3.76
CA VAL C 131 -1.46 -23.09 -5.12
C VAL C 131 -0.26 -23.34 -6.03
N ALA C 132 -0.47 -24.10 -7.11
CA ALA C 132 0.54 -24.34 -8.15
C ALA C 132 0.62 -23.12 -9.07
N THR C 133 1.67 -22.32 -8.93
CA THR C 133 1.66 -21.03 -9.60
C THR C 133 2.48 -21.15 -10.84
N VAL C 134 1.99 -20.52 -11.91
CA VAL C 134 2.70 -20.51 -13.18
C VAL C 134 3.05 -19.06 -13.57
N ALA C 135 3.69 -18.87 -14.71
CA ALA C 135 4.22 -17.57 -15.10
C ALA C 135 3.14 -16.52 -15.24
N ILE C 136 3.55 -15.27 -15.09
CA ILE C 136 2.67 -14.15 -15.35
C ILE C 136 2.24 -14.19 -16.80
N GLY C 137 0.94 -14.03 -17.03
CA GLY C 137 0.41 -13.81 -18.37
C GLY C 137 0.14 -15.06 -19.20
N LYS C 138 0.22 -14.87 -20.51
CA LYS C 138 -0.20 -15.87 -21.47
C LYS C 138 0.63 -17.13 -21.45
N ALA C 139 1.93 -17.00 -21.24
CA ALA C 139 2.81 -18.19 -21.14
C ALA C 139 2.38 -19.06 -19.97
N GLY C 140 2.03 -18.41 -18.85
CA GLY C 140 1.57 -19.10 -17.67
C GLY C 140 0.26 -19.80 -17.95
N SER C 141 -0.62 -19.12 -18.67
CA SER C 141 -1.90 -19.70 -18.97
C SER C 141 -1.74 -20.97 -19.80
N THR C 142 -0.94 -20.91 -20.85
CA THR C 142 -0.61 -22.09 -21.64
C THR C 142 -0.15 -23.21 -20.70
N ASN C 143 0.80 -22.85 -19.84
CA ASN C 143 1.36 -23.81 -18.93
C ASN C 143 0.42 -24.38 -17.88
N ALA C 144 -0.60 -23.61 -17.51
CA ALA C 144 -1.64 -24.10 -16.62
C ALA C 144 -2.42 -25.22 -17.28
N GLY C 145 -2.73 -25.08 -18.56
CA GLY C 145 -3.34 -26.15 -19.30
C GLY C 145 -2.47 -27.38 -19.38
N LEU C 146 -1.19 -27.20 -19.70
CA LEU C 146 -0.27 -28.32 -19.79
C LEU C 146 -0.08 -29.02 -18.43
N LEU C 147 -0.03 -28.24 -17.35
CA LEU C 147 0.17 -28.75 -16.01
C LEU C 147 -1.05 -29.53 -15.55
N ALA C 148 -2.25 -29.02 -15.85
CA ALA C 148 -3.47 -29.76 -15.59
C ALA C 148 -3.44 -31.11 -16.31
N ALA C 149 -3.00 -31.10 -17.56
CA ALA C 149 -2.86 -32.32 -18.32
C ALA C 149 -1.84 -33.25 -17.70
N GLN C 150 -0.73 -32.70 -17.24
CA GLN C 150 0.32 -33.54 -16.64
C GLN C 150 -0.20 -34.24 -15.38
N ILE C 151 -0.96 -33.50 -14.59
CA ILE C 151 -1.61 -34.05 -13.41
C ILE C 151 -2.53 -35.23 -13.79
N LEU C 152 -3.35 -35.04 -14.79
CA LEU C 152 -4.21 -36.11 -15.29
C LEU C 152 -3.38 -37.26 -15.86
N GLY C 153 -2.30 -36.88 -16.53
CA GLY C 153 -1.41 -37.82 -17.17
C GLY C 153 -0.63 -38.69 -16.21
N SER C 154 -0.62 -38.32 -14.94
CA SER C 154 -0.04 -39.18 -13.96
C SER C 154 -0.80 -40.49 -13.82
N PHE C 155 -2.09 -40.50 -14.16
CA PHE C 155 -2.90 -41.73 -14.14
C PHE C 155 -3.54 -42.11 -15.49
N HIS C 156 -3.63 -41.15 -16.42
CA HIS C 156 -4.06 -41.42 -17.79
C HIS C 156 -2.91 -41.47 -18.77
N ASP C 157 -2.52 -42.70 -19.14
CA ASP C 157 -1.36 -42.94 -19.99
C ASP C 157 -1.46 -42.21 -21.30
N ASP C 158 -2.66 -42.21 -21.88
CA ASP C 158 -2.85 -41.57 -23.17
C ASP C 158 -2.64 -40.05 -23.14
N ILE C 159 -3.03 -39.40 -22.05
CA ILE C 159 -2.73 -37.97 -21.90
C ILE C 159 -1.20 -37.79 -21.77
N HIS C 160 -0.57 -38.61 -20.93
CA HIS C 160 0.88 -38.54 -20.80
C HIS C 160 1.53 -38.70 -22.15
N ASP C 161 1.12 -39.71 -22.92
CA ASP C 161 1.72 -39.97 -24.22
C ASP C 161 1.48 -38.80 -25.21
N ALA C 162 0.30 -38.22 -25.15
CA ALA C 162 0.00 -37.05 -25.98
C ALA C 162 0.93 -35.88 -25.63
N LEU C 163 1.22 -35.71 -24.35
CA LEU C 163 2.15 -34.65 -23.88
C LEU C 163 3.56 -34.90 -24.42
N GLU C 164 4.02 -36.16 -24.36
CA GLU C 164 5.34 -36.53 -24.91
C GLU C 164 5.43 -36.28 -26.42
N LEU C 165 4.40 -36.70 -27.14
CA LEU C 165 4.33 -36.47 -28.58
C LEU C 165 4.34 -34.98 -28.94
N ARG C 166 3.58 -34.18 -28.21
CA ARG C 166 3.51 -32.76 -28.48
C ARG C 166 4.91 -32.13 -28.27
N ARG C 167 5.54 -32.50 -27.17
CA ARG C 167 6.86 -31.97 -26.82
C ARG C 167 7.92 -32.41 -27.83
N GLU C 168 7.86 -33.66 -28.24
CA GLU C 168 8.77 -34.20 -29.25
C GLU C 168 8.62 -33.44 -30.59
N ALA C 169 7.39 -33.16 -30.98
CA ALA C 169 7.13 -32.45 -32.23
C ALA C 169 7.69 -31.02 -32.13
N ILE C 170 7.48 -30.36 -31.00
CA ILE C 170 8.03 -29.02 -30.81
C ILE C 170 9.56 -29.05 -30.86
N GLU C 171 10.17 -30.02 -30.18
CA GLU C 171 11.63 -30.20 -30.19
C GLU C 171 12.18 -30.24 -31.59
N LYS C 172 11.55 -31.07 -32.43
CA LYS C 172 11.94 -31.26 -33.79
C LYS C 172 11.81 -29.95 -34.61
N ASP C 173 10.68 -29.30 -34.46
CA ASP C 173 10.41 -28.03 -35.10
C ASP C 173 11.47 -26.95 -34.73
N VAL C 174 11.82 -26.89 -33.45
CA VAL C 174 12.80 -25.88 -33.00
C VAL C 174 14.21 -26.22 -33.47
N ARG C 175 14.58 -27.49 -33.37
CA ARG C 175 15.92 -27.91 -33.73
C ARG C 175 16.12 -27.82 -35.24
N GLU C 176 15.13 -28.19 -36.01
CA GLU C 176 15.26 -28.27 -37.47
C GLU C 176 14.89 -26.98 -38.22
N GLY C 177 13.93 -26.20 -37.71
CA GLY C 177 13.45 -24.98 -38.42
C GLY C 177 13.04 -23.81 -37.54
N MET D 21 28.42 31.23 17.18
CA MET D 21 28.45 31.35 15.70
C MET D 21 27.09 31.13 15.01
N LYS D 22 26.79 32.03 14.09
CA LYS D 22 25.64 31.90 13.21
C LYS D 22 25.63 30.59 12.39
N SER D 23 24.61 29.75 12.55
CA SER D 23 24.55 28.50 11.79
C SER D 23 24.39 28.75 10.31
N LEU D 24 25.16 28.04 9.49
CA LEU D 24 24.97 28.04 8.06
C LEU D 24 24.16 26.84 7.58
N VAL D 25 24.13 25.76 8.35
CA VAL D 25 23.41 24.55 7.92
C VAL D 25 22.46 24.14 9.03
N GLY D 26 21.23 23.77 8.68
CA GLY D 26 20.28 23.16 9.60
C GLY D 26 20.20 21.65 9.29
N VAL D 27 20.42 20.82 10.30
CA VAL D 27 20.31 19.36 10.19
C VAL D 27 19.09 18.94 11.02
N ILE D 28 18.07 18.43 10.32
CA ILE D 28 16.82 18.07 10.97
C ILE D 28 16.41 16.62 10.63
N MET D 29 15.55 16.06 11.47
CA MET D 29 15.09 14.68 11.38
C MET D 29 13.80 14.54 12.19
N GLY D 30 12.94 13.63 11.78
CA GLY D 30 11.61 13.53 12.35
C GLY D 30 11.55 12.83 13.66
N SER D 31 12.60 12.08 13.98
CA SER D 31 12.61 11.28 15.17
C SER D 31 13.99 11.20 15.79
N THR D 32 14.07 11.04 17.11
CA THR D 32 15.37 10.88 17.76
C THR D 32 16.07 9.57 17.31
N SER D 33 15.31 8.56 16.92
CA SER D 33 15.91 7.34 16.40
C SER D 33 16.64 7.58 15.07
N ASP D 34 16.31 8.66 14.35
CA ASP D 34 17.05 9.00 13.12
C ASP D 34 18.47 9.53 13.39
N TRP D 35 18.76 9.91 14.63
CA TRP D 35 20.03 10.54 14.95
C TRP D 35 21.20 9.59 14.64
N GLU D 36 21.00 8.29 14.87
CA GLU D 36 22.03 7.29 14.61
C GLU D 36 22.48 7.37 13.19
N THR D 37 21.57 7.74 12.29
CA THR D 37 21.92 7.98 10.92
C THR D 37 22.44 9.40 10.73
N MET D 38 21.74 10.38 11.27
CA MET D 38 22.05 11.77 10.95
C MET D 38 23.33 12.29 11.55
N LYS D 39 23.80 11.66 12.62
CA LYS D 39 25.03 12.15 13.26
C LYS D 39 26.24 12.21 12.32
N TYR D 40 26.27 11.37 11.28
CA TYR D 40 27.36 11.37 10.31
C TYR D 40 27.47 12.69 9.55
N ALA D 41 26.34 13.27 9.14
CA ALA D 41 26.33 14.58 8.49
C ALA D 41 26.94 15.64 9.41
N CYS D 42 26.54 15.61 10.69
CA CYS D 42 27.06 16.59 11.67
C CYS D 42 28.54 16.45 11.91
N ASP D 43 29.01 15.20 11.92
CA ASP D 43 30.45 14.92 12.06
C ASP D 43 31.26 15.59 10.96
N ILE D 44 30.74 15.54 9.74
CA ILE D 44 31.42 16.18 8.59
C ILE D 44 31.48 17.70 8.76
N LEU D 45 30.35 18.28 9.14
CA LEU D 45 30.29 19.71 9.38
C LEU D 45 31.25 20.12 10.47
N ASP D 46 31.31 19.36 11.55
CA ASP D 46 32.28 19.61 12.58
C ASP D 46 33.69 19.54 12.07
N GLU D 47 33.98 18.54 11.26
CA GLU D 47 35.35 18.37 10.78
C GLU D 47 35.78 19.58 9.92
N LEU D 48 34.84 20.12 9.15
CA LEU D 48 35.11 21.27 8.30
C LEU D 48 34.83 22.62 8.95
N ASN D 49 34.56 22.64 10.26
N ASN D 49 34.60 22.65 10.26
CA ASN D 49 34.28 23.86 11.02
CA ASN D 49 34.35 23.90 11.01
C ASN D 49 33.16 24.70 10.45
C ASN D 49 33.18 24.71 10.42
N ILE D 50 32.12 24.03 10.01
CA ILE D 50 30.94 24.71 9.47
C ILE D 50 29.92 24.76 10.58
N PRO D 51 29.55 25.98 11.04
CA PRO D 51 28.56 26.02 12.12
C PRO D 51 27.18 25.51 11.69
N TYR D 52 26.51 24.78 12.56
CA TYR D 52 25.22 24.20 12.20
C TYR D 52 24.33 24.07 13.41
N GLU D 53 23.04 23.85 13.17
CA GLU D 53 22.10 23.55 14.24
C GLU D 53 21.49 22.19 13.95
N LYS D 54 21.06 21.48 14.99
CA LYS D 54 20.43 20.16 14.78
C LYS D 54 19.17 20.11 15.61
N LYS D 55 18.07 19.71 14.99
CA LYS D 55 16.77 19.75 15.64
C LYS D 55 15.94 18.56 15.22
N VAL D 56 15.10 18.08 16.13
CA VAL D 56 14.05 17.17 15.75
C VAL D 56 12.86 17.98 15.23
N VAL D 57 12.52 17.75 13.97
CA VAL D 57 11.40 18.44 13.32
C VAL D 57 10.68 17.34 12.56
N SER D 58 9.44 17.04 12.90
CA SER D 58 8.72 15.92 12.27
C SER D 58 7.65 16.40 11.31
N ALA D 59 7.68 15.91 10.07
CA ALA D 59 6.64 16.33 9.10
C ALA D 59 5.26 15.94 9.61
N HIS D 60 5.19 14.82 10.32
CA HIS D 60 3.92 14.21 10.61
C HIS D 60 3.47 14.43 12.02
N ARG D 61 4.41 14.57 12.94
CA ARG D 61 4.09 14.78 14.33
C ARG D 61 4.18 16.27 14.73
N THR D 62 4.97 17.07 14.02
CA THR D 62 5.01 18.51 14.32
C THR D 62 4.88 19.32 13.03
N PRO D 63 3.79 19.11 12.27
CA PRO D 63 3.69 19.73 10.96
C PRO D 63 3.77 21.27 10.96
N ASP D 64 3.09 21.93 11.89
CA ASP D 64 3.17 23.40 11.98
C ASP D 64 4.57 23.93 12.29
N TYR D 65 5.25 23.26 13.22
CA TYR D 65 6.61 23.57 13.56
C TYR D 65 7.53 23.37 12.35
N MET D 66 7.31 22.32 11.55
CA MET D 66 8.12 22.09 10.36
C MET D 66 8.01 23.26 9.38
N PHE D 67 6.78 23.71 9.11
CA PHE D 67 6.54 24.89 8.24
C PHE D 67 7.23 26.14 8.78
N GLU D 68 7.12 26.36 10.09
CA GLU D 68 7.77 27.53 10.73
C GLU D 68 9.30 27.45 10.57
N TYR D 69 9.86 26.27 10.80
CA TYR D 69 11.30 26.06 10.65
C TYR D 69 11.77 26.37 9.20
N ALA D 70 11.09 25.78 8.23
CA ALA D 70 11.36 25.98 6.79
C ALA D 70 11.20 27.43 6.37
N GLU D 71 10.05 27.99 6.69
CA GLU D 71 9.70 29.36 6.42
C GLU D 71 10.75 30.39 6.83
N THR D 72 11.27 30.20 8.05
CA THR D 72 12.13 31.19 8.67
C THR D 72 13.63 30.91 8.43
N ALA D 73 13.93 29.79 7.78
CA ALA D 73 15.33 29.35 7.63
C ALA D 73 16.23 30.42 7.00
N ARG D 74 15.75 31.00 5.90
CA ARG D 74 16.46 32.03 5.16
C ARG D 74 16.71 33.26 6.04
N GLU D 75 15.65 33.82 6.65
CA GLU D 75 15.79 34.97 7.60
C GLU D 75 16.81 34.66 8.67
N ARG D 76 16.79 33.43 9.15
CA ARG D 76 17.65 33.04 10.26
C ARG D 76 19.12 32.87 9.85
N GLY D 77 19.42 32.98 8.56
CA GLY D 77 20.81 32.95 8.09
C GLY D 77 21.29 31.58 7.61
N LEU D 78 20.42 30.57 7.66
CA LEU D 78 20.79 29.27 7.11
C LEU D 78 20.94 29.35 5.59
N LYS D 79 21.89 28.58 5.04
CA LYS D 79 22.11 28.50 3.60
C LYS D 79 21.67 27.15 3.01
N VAL D 80 21.67 26.11 3.83
CA VAL D 80 21.33 24.76 3.38
C VAL D 80 20.62 24.05 4.54
N ILE D 81 19.65 23.21 4.20
CA ILE D 81 19.05 22.34 5.19
C ILE D 81 19.32 20.87 4.79
N ILE D 82 19.76 20.07 5.75
CA ILE D 82 19.86 18.61 5.62
C ILE D 82 18.74 18.02 6.43
N ALA D 83 17.91 17.21 5.79
CA ALA D 83 16.74 16.62 6.44
C ALA D 83 16.75 15.10 6.21
N GLY D 84 16.63 14.35 7.32
CA GLY D 84 16.59 12.91 7.26
C GLY D 84 15.20 12.40 7.56
N ALA D 85 14.75 11.36 6.86
CA ALA D 85 13.45 10.74 7.19
C ALA D 85 13.43 9.35 6.58
N GLY D 86 12.61 8.47 7.16
CA GLY D 86 12.49 7.09 6.64
C GLY D 86 11.03 6.75 6.39
N GLY D 87 10.78 5.66 5.67
CA GLY D 87 9.43 5.21 5.39
C GLY D 87 8.76 6.11 4.38
N ALA D 88 7.58 6.60 4.74
CA ALA D 88 6.93 7.67 3.98
C ALA D 88 7.64 8.94 4.43
N ALA D 89 8.74 9.25 3.74
CA ALA D 89 9.72 10.22 4.19
C ALA D 89 9.38 11.54 3.53
N HIS D 90 8.59 12.35 4.21
CA HIS D 90 8.03 13.57 3.66
C HIS D 90 8.77 14.83 4.15
N LEU D 91 9.58 14.71 5.19
CA LEU D 91 10.24 15.86 5.78
C LEU D 91 11.07 16.67 4.77
N PRO D 92 11.94 16.01 4.00
CA PRO D 92 12.74 16.81 3.09
C PRO D 92 11.90 17.58 2.06
N GLY D 93 10.94 16.90 1.46
CA GLY D 93 10.14 17.50 0.41
C GLY D 93 9.22 18.60 0.89
N MET D 94 8.66 18.45 2.09
CA MET D 94 7.78 19.49 2.60
C MET D 94 8.56 20.72 3.07
N VAL D 95 9.76 20.50 3.59
CA VAL D 95 10.65 21.60 3.92
C VAL D 95 11.00 22.33 2.63
N ALA D 96 11.36 21.57 1.59
CA ALA D 96 11.69 22.11 0.29
C ALA D 96 10.54 22.88 -0.33
N ALA D 97 9.30 22.47 -0.06
CA ALA D 97 8.16 23.21 -0.58
C ALA D 97 8.04 24.60 0.08
N LYS D 98 8.67 24.75 1.24
CA LYS D 98 8.49 25.96 2.08
C LYS D 98 9.73 26.86 2.13
N THR D 99 10.80 26.49 1.45
CA THR D 99 11.99 27.36 1.40
C THR D 99 12.64 27.22 0.05
N ASN D 100 13.33 28.25 -0.41
CA ASN D 100 14.17 28.11 -1.60
C ASN D 100 15.67 27.96 -1.31
N LEU D 101 16.03 27.71 -0.05
CA LEU D 101 17.32 27.18 0.27
C LEU D 101 17.37 25.80 -0.36
N PRO D 102 18.55 25.38 -0.81
CA PRO D 102 18.73 23.96 -1.16
C PRO D 102 18.47 23.04 0.01
N VAL D 103 17.70 21.98 -0.25
CA VAL D 103 17.35 21.01 0.79
C VAL D 103 17.90 19.65 0.38
N ILE D 104 18.71 19.06 1.26
CA ILE D 104 19.35 17.80 1.02
C ILE D 104 18.58 16.77 1.82
N GLY D 105 18.17 15.69 1.15
CA GLY D 105 17.38 14.64 1.77
C GLY D 105 18.14 13.36 1.95
N VAL D 106 18.21 12.92 3.18
CA VAL D 106 18.84 11.69 3.56
C VAL D 106 17.76 10.62 3.80
N PRO D 107 17.69 9.60 2.95
CA PRO D 107 16.80 8.47 3.22
C PRO D 107 17.34 7.57 4.35
N VAL D 108 16.63 7.53 5.46
CA VAL D 108 16.97 6.68 6.57
C VAL D 108 16.50 5.26 6.22
N GLN D 109 17.32 4.27 6.59
CA GLN D 109 17.03 2.90 6.25
C GLN D 109 15.84 2.49 7.12
N SER D 110 14.74 2.14 6.48
CA SER D 110 13.54 1.67 7.19
C SER D 110 13.64 0.19 7.50
N LYS D 111 12.82 -0.26 8.45
CA LYS D 111 12.89 -1.63 8.92
C LYS D 111 12.45 -2.64 7.88
N ALA D 112 11.26 -2.48 7.32
CA ALA D 112 10.74 -3.48 6.40
C ALA D 112 11.41 -3.37 5.03
N LEU D 113 11.41 -2.17 4.45
CA LEU D 113 11.79 -2.03 3.04
C LEU D 113 13.19 -1.47 2.82
N ASN D 114 14.00 -1.45 3.89
CA ASN D 114 15.41 -1.13 3.81
C ASN D 114 15.71 0.20 3.17
N GLY D 115 14.79 1.16 3.34
CA GLY D 115 15.01 2.48 2.81
C GLY D 115 14.59 2.66 1.37
N LEU D 116 14.03 1.65 0.74
CA LEU D 116 13.51 1.83 -0.61
C LEU D 116 12.31 2.79 -0.58
N ASP D 117 11.42 2.60 0.40
CA ASP D 117 10.34 3.56 0.62
C ASP D 117 10.86 4.96 0.91
N SER D 118 11.86 5.04 1.81
CA SER D 118 12.49 6.31 2.12
C SER D 118 13.02 7.04 0.87
N LEU D 119 13.81 6.31 0.07
CA LEU D 119 14.40 6.83 -1.13
C LEU D 119 13.36 7.37 -2.13
N LEU D 120 12.36 6.56 -2.47
CA LEU D 120 11.36 6.97 -3.49
C LEU D 120 10.52 8.14 -3.02
N SER D 121 10.18 8.16 -1.73
CA SER D 121 9.45 9.24 -1.06
C SER D 121 10.16 10.55 -1.11
N ILE D 122 11.49 10.50 -1.16
CA ILE D 122 12.32 11.72 -1.12
C ILE D 122 12.74 12.16 -2.51
N VAL D 123 13.26 11.23 -3.30
CA VAL D 123 13.88 11.59 -4.55
C VAL D 123 12.90 11.98 -5.64
N GLN D 124 11.70 11.39 -5.64
CA GLN D 124 10.75 11.52 -6.76
C GLN D 124 9.91 12.79 -6.73
N MET D 125 10.50 13.89 -6.26
CA MET D 125 9.80 15.16 -6.12
C MET D 125 9.39 15.70 -7.48
N PRO D 126 8.22 16.35 -7.57
CA PRO D 126 7.72 16.88 -8.84
C PRO D 126 8.45 18.15 -9.24
N GLY D 127 8.35 18.50 -10.53
CA GLY D 127 8.89 19.75 -11.07
C GLY D 127 8.50 20.95 -10.21
N GLY D 128 9.49 21.73 -9.76
CA GLY D 128 9.24 22.92 -8.97
C GLY D 128 9.84 22.85 -7.57
N VAL D 129 9.99 21.64 -7.05
CA VAL D 129 10.41 21.46 -5.67
C VAL D 129 11.50 20.41 -5.60
N PRO D 130 12.72 20.80 -6.03
CA PRO D 130 13.81 19.85 -5.92
C PRO D 130 14.18 19.48 -4.49
N VAL D 131 14.60 18.24 -4.30
CA VAL D 131 15.33 17.83 -3.09
C VAL D 131 16.59 17.12 -3.58
N ALA D 132 17.74 17.57 -3.06
CA ALA D 132 19.02 16.94 -3.36
C ALA D 132 19.12 15.63 -2.58
N THR D 133 18.93 14.52 -3.25
CA THR D 133 18.85 13.24 -2.53
C THR D 133 20.18 12.52 -2.54
N VAL D 134 20.55 11.99 -1.38
CA VAL D 134 21.78 11.23 -1.23
C VAL D 134 21.45 9.75 -0.90
N ALA D 135 22.48 8.94 -0.70
CA ALA D 135 22.31 7.49 -0.51
C ALA D 135 21.54 7.13 0.76
N ILE D 136 20.91 5.96 0.73
CA ILE D 136 20.24 5.43 1.91
C ILE D 136 21.28 5.27 3.03
N GLY D 137 20.92 5.73 4.21
CA GLY D 137 21.68 5.44 5.43
C GLY D 137 22.91 6.30 5.64
N LYS D 138 23.91 5.69 6.27
CA LYS D 138 25.03 6.42 6.83
C LYS D 138 25.93 7.05 5.77
N ALA D 139 26.09 6.38 4.65
CA ALA D 139 26.90 6.90 3.56
C ALA D 139 26.26 8.20 3.02
N GLY D 140 24.94 8.19 2.89
CA GLY D 140 24.19 9.36 2.44
C GLY D 140 24.31 10.49 3.45
N SER D 141 24.21 10.17 4.73
CA SER D 141 24.31 11.18 5.78
C SER D 141 25.70 11.88 5.73
N THR D 142 26.79 11.12 5.69
CA THR D 142 28.12 11.67 5.47
C THR D 142 28.12 12.60 4.26
N ASN D 143 27.55 12.09 3.18
CA ASN D 143 27.49 12.84 1.94
C ASN D 143 26.63 14.07 1.98
N ALA D 144 25.61 14.09 2.83
CA ALA D 144 24.82 15.28 3.02
C ALA D 144 25.65 16.41 3.62
N GLY D 145 26.45 16.07 4.62
CA GLY D 145 27.38 17.02 5.20
C GLY D 145 28.35 17.53 4.14
N LEU D 146 28.91 16.62 3.34
CA LEU D 146 29.88 17.04 2.33
C LEU D 146 29.24 17.90 1.25
N LEU D 147 28.02 17.56 0.87
CA LEU D 147 27.30 18.30 -0.16
C LEU D 147 26.93 19.69 0.34
N ALA D 148 26.49 19.81 1.59
CA ALA D 148 26.21 21.12 2.20
C ALA D 148 27.50 21.97 2.15
N ALA D 149 28.65 21.33 2.46
CA ALA D 149 29.94 22.02 2.38
C ALA D 149 30.29 22.44 0.96
N GLN D 150 30.02 21.56 -0.02
CA GLN D 150 30.27 21.89 -1.41
C GLN D 150 29.41 23.07 -1.87
N ILE D 151 28.19 23.12 -1.38
CA ILE D 151 27.31 24.24 -1.73
C ILE D 151 27.92 25.54 -1.21
N LEU D 152 28.30 25.54 0.05
CA LEU D 152 28.97 26.69 0.68
C LEU D 152 30.28 27.01 -0.06
N GLY D 153 31.02 25.98 -0.41
CA GLY D 153 32.29 26.09 -1.08
C GLY D 153 32.21 26.68 -2.47
N SER D 154 31.01 26.76 -3.03
CA SER D 154 30.86 27.44 -4.30
C SER D 154 31.10 28.96 -4.17
N PHE D 155 31.00 29.51 -2.96
CA PHE D 155 31.37 30.91 -2.70
C PHE D 155 32.37 31.16 -1.56
N HIS D 156 32.63 30.13 -0.75
CA HIS D 156 33.68 30.17 0.27
C HIS D 156 34.85 29.33 -0.13
N ASP D 157 35.91 30.01 -0.57
CA ASP D 157 37.10 29.35 -1.12
C ASP D 157 37.75 28.42 -0.13
N ASP D 158 37.82 28.87 1.12
CA ASP D 158 38.46 28.09 2.15
C ASP D 158 37.71 26.78 2.38
N ILE D 159 36.39 26.79 2.31
CA ILE D 159 35.64 25.54 2.46
C ILE D 159 35.93 24.67 1.23
N HIS D 160 35.92 25.24 0.04
CA HIS D 160 36.27 24.48 -1.15
C HIS D 160 37.69 23.87 -1.02
N ASP D 161 38.66 24.68 -0.60
CA ASP D 161 40.04 24.20 -0.41
C ASP D 161 40.12 23.09 0.63
N ALA D 162 39.35 23.19 1.71
CA ALA D 162 39.35 22.17 2.75
C ALA D 162 38.85 20.84 2.15
N LEU D 163 37.83 20.94 1.32
CA LEU D 163 37.19 19.75 0.72
C LEU D 163 38.22 19.06 -0.19
N GLU D 164 38.94 19.87 -0.97
CA GLU D 164 40.00 19.37 -1.83
C GLU D 164 41.06 18.69 -1.03
N LEU D 165 41.53 19.36 0.04
CA LEU D 165 42.58 18.78 0.89
C LEU D 165 42.13 17.48 1.52
N ARG D 166 40.89 17.45 1.99
CA ARG D 166 40.36 16.25 2.59
C ARG D 166 40.37 15.10 1.58
N ARG D 167 39.84 15.37 0.41
CA ARG D 167 39.79 14.39 -0.65
C ARG D 167 41.17 13.89 -1.09
N GLU D 168 42.11 14.83 -1.16
CA GLU D 168 43.48 14.52 -1.52
C GLU D 168 44.16 13.61 -0.47
N ALA D 169 43.89 13.86 0.81
CA ALA D 169 44.46 13.03 1.87
C ALA D 169 43.90 11.61 1.80
N ILE D 170 42.60 11.50 1.55
CA ILE D 170 41.94 10.20 1.42
C ILE D 170 42.51 9.44 0.22
N GLU D 171 42.65 10.15 -0.90
CA GLU D 171 43.24 9.54 -2.10
C GLU D 171 44.60 8.93 -1.79
N LYS D 172 45.44 9.68 -1.08
CA LYS D 172 46.77 9.23 -0.76
C LYS D 172 46.74 8.01 0.16
N ASP D 173 45.89 8.08 1.18
CA ASP D 173 45.63 7.00 2.11
C ASP D 173 45.27 5.69 1.38
N VAL D 174 44.31 5.81 0.45
CA VAL D 174 43.81 4.65 -0.27
C VAL D 174 44.90 4.11 -1.21
N ARG D 175 45.49 4.99 -2.01
CA ARG D 175 46.47 4.53 -2.98
C ARG D 175 47.73 3.97 -2.34
N GLU D 176 48.11 4.50 -1.19
CA GLU D 176 49.30 4.01 -0.51
C GLU D 176 49.05 2.83 0.43
N GLY D 177 47.81 2.64 0.87
CA GLY D 177 47.36 1.36 1.46
C GLY D 177 46.87 0.33 0.45
N SER D 178 47.24 0.50 -0.82
CA SER D 178 46.60 -0.19 -1.96
C SER D 178 46.96 -1.67 -2.07
N GLU D 179 48.14 -2.07 -1.61
CA GLU D 179 48.46 -3.49 -1.52
C GLU D 179 47.56 -4.13 -0.42
N LEU D 180 47.04 -5.32 -0.72
CA LEU D 180 46.23 -6.07 0.24
C LEU D 180 47.12 -7.07 0.91
N VAL D 181 47.45 -6.81 2.18
CA VAL D 181 48.54 -7.50 2.89
C VAL D 181 48.05 -8.47 3.96
C ACT E . -3.12 -17.96 7.78
O ACT E . -3.74 -17.11 7.06
OXT ACT E . -3.71 -18.74 8.55
CH3 ACT E . -1.62 -18.05 7.73
C ACT F . 1.82 18.48 -6.86
O ACT F . 1.74 18.24 -5.63
OXT ACT F . 1.58 19.61 -7.35
CH3 ACT F . 2.23 17.39 -7.78
C ACT G . -12.39 -9.59 -9.76
O ACT G . -13.61 -9.34 -9.92
OXT ACT G . -11.99 -10.47 -8.96
CH3 ACT G . -11.37 -8.83 -10.53
C ACT H . 8.25 11.15 12.04
O ACT H . 8.06 11.80 10.99
OXT ACT H . 8.06 11.64 13.18
CH3 ACT H . 8.73 9.74 11.90
C ACT I . 16.63 -7.93 4.23
O ACT I . 17.57 -8.70 4.12
OXT ACT I . 16.07 -7.49 3.23
CH3 ACT I . 16.14 -7.50 5.59
#